data_6F8N
#
_entry.id   6F8N
#
_cell.length_a   128.840
_cell.length_b   87.570
_cell.length_c   75.390
_cell.angle_alpha   90.00
_cell.angle_beta   115.49
_cell.angle_gamma   90.00
#
_symmetry.space_group_name_H-M   'C 1 2 1'
#
loop_
_entity.id
_entity.type
_entity.pdbx_description
1 polymer 'Glycoside hydrolase family 18'
2 branched 2-acetamido-2-deoxy-beta-D-glucopyranose-(1-4)-2-acetamido-2-deoxy-beta-D-glucopyranose
3 non-polymer 1,2-ETHANEDIOL
4 non-polymer 'CHLORIDE ION'
5 water water
#
_entity_poly.entity_id   1
_entity_poly.type   'polypeptide(L)'
_entity_poly.pdbx_seq_one_letter_code
;MGAGMAHAASYLSVGYFNGGGDVTAGPGGDINKLDVTQITHLNYSFGLIYNDEKQETNPALKDPSRLHQIYLSPKVMADL
QLLPVLRKQNPELKVLLSVGGWGARGFSGAAATAESRAVFIRSVQQVIKQYHLDGIDLDWQYPVNGAWGLVESQPADRAN
FTLLLAELHKALDKGKLLTIAVGANVKSPQEWVDVKGIAPYLDYINLMTYDMAYGTQYFNSNLYDSKQWPTVAAADRYSA
NFVVDNYLAAGLKPAQLNLGIGFYGRVPKRATEPGIDWDKADAAKNPVTQPYFTARETAVFKAMGLDLTKDSYFKYNDIV
SKLLNDPQRRFTAHWDSDAQVPYLTMKSAEGKPLFAISYENPRSVALKADYIKSKGLGGAMFWEYGADDNNRLAHQLAES
LGINGGKQHHHHHH
;
_entity_poly.pdbx_strand_id   A,B
#
loop_
_chem_comp.id
_chem_comp.type
_chem_comp.name
_chem_comp.formula
CL non-polymer 'CHLORIDE ION' 'Cl -1'
EDO non-polymer 1,2-ETHANEDIOL 'C2 H6 O2'
NAG D-saccharide, beta linking 2-acetamido-2-deoxy-beta-D-glucopyranose 'C8 H15 N O6'
#
# COMPACT_ATOMS: atom_id res chain seq x y z
N ALA A 6 25.02 -36.76 -15.56
CA ALA A 6 24.83 -36.55 -16.99
C ALA A 6 24.07 -35.25 -17.27
N HIS A 7 23.26 -34.80 -16.31
CA HIS A 7 22.46 -33.61 -16.53
C HIS A 7 22.14 -32.92 -15.21
N ALA A 8 21.81 -31.64 -15.30
CA ALA A 8 21.60 -30.81 -14.12
C ALA A 8 20.18 -30.96 -13.60
N ALA A 9 20.01 -30.67 -12.32
CA ALA A 9 18.69 -30.73 -11.71
C ALA A 9 17.87 -29.51 -12.14
N SER A 10 16.55 -29.62 -11.95
CA SER A 10 15.64 -28.52 -12.19
C SER A 10 14.83 -28.30 -10.92
N TYR A 11 14.94 -27.09 -10.35
CA TYR A 11 14.35 -26.78 -9.05
C TYR A 11 13.17 -25.83 -9.22
N LEU A 12 12.23 -25.91 -8.28
CA LEU A 12 11.13 -24.95 -8.23
C LEU A 12 11.51 -23.79 -7.31
N SER A 13 10.94 -22.61 -7.59
CA SER A 13 10.89 -21.49 -6.67
C SER A 13 9.44 -21.00 -6.66
N VAL A 14 8.71 -21.32 -5.61
CA VAL A 14 7.28 -21.06 -5.51
C VAL A 14 7.08 -19.88 -4.58
N GLY A 15 6.66 -18.73 -5.14
CA GLY A 15 6.49 -17.53 -4.36
C GLY A 15 5.03 -17.29 -4.03
N TYR A 16 4.70 -17.34 -2.75
CA TYR A 16 3.41 -16.82 -2.31
C TYR A 16 3.41 -15.30 -2.47
N PHE A 17 2.24 -14.74 -2.79
CA PHE A 17 2.07 -13.29 -2.82
C PHE A 17 0.82 -12.93 -2.02
N ASN A 18 1.00 -12.11 -0.99
CA ASN A 18 -0.13 -11.62 -0.19
C ASN A 18 -0.78 -10.49 -0.96
N GLY A 19 -1.78 -10.83 -1.76
CA GLY A 19 -2.49 -9.82 -2.55
C GLY A 19 -3.79 -9.38 -1.93
N GLY A 20 -4.51 -10.31 -1.29
CA GLY A 20 -5.80 -9.99 -0.73
C GLY A 20 -5.81 -9.61 0.74
N GLY A 21 -4.70 -9.81 1.43
CA GLY A 21 -4.59 -9.59 2.86
C GLY A 21 -4.46 -10.89 3.61
N ASP A 22 -3.77 -10.82 4.76
CA ASP A 22 -3.45 -11.98 5.61
C ASP A 22 -3.63 -11.57 7.07
N VAL A 23 -4.17 -12.48 7.88
CA VAL A 23 -4.46 -12.19 9.29
C VAL A 23 -3.19 -11.76 10.03
N THR A 24 -2.07 -12.44 9.77
CA THR A 24 -0.84 -12.08 10.46
C THR A 24 0.00 -11.09 9.68
N ALA A 25 0.05 -11.22 8.36
CA ALA A 25 0.95 -10.39 7.56
C ALA A 25 0.36 -9.03 7.20
N GLY A 26 -0.95 -8.82 7.38
CA GLY A 26 -1.54 -7.53 7.14
C GLY A 26 -2.08 -7.36 5.73
N PRO A 27 -2.45 -6.13 5.39
CA PRO A 27 -3.08 -5.86 4.09
C PRO A 27 -2.23 -6.31 2.91
N GLY A 28 -2.90 -6.64 1.81
CA GLY A 28 -2.23 -7.07 0.61
C GLY A 28 -1.46 -5.95 -0.07
N GLY A 29 -0.60 -6.34 -1.02
CA GLY A 29 0.30 -5.42 -1.66
C GLY A 29 0.03 -5.25 -3.15
N ASP A 30 0.97 -4.57 -3.81
CA ASP A 30 0.86 -4.17 -5.21
C ASP A 30 1.50 -5.26 -6.09
N ILE A 31 0.67 -5.98 -6.84
CA ILE A 31 1.16 -7.06 -7.70
C ILE A 31 2.06 -6.54 -8.83
N ASN A 32 2.00 -5.25 -9.15
CA ASN A 32 2.82 -4.73 -10.24
C ASN A 32 4.30 -4.64 -9.88
N LYS A 33 4.64 -4.71 -8.60
CA LYS A 33 6.03 -4.60 -8.18
C LYS A 33 6.79 -5.92 -8.29
N LEU A 34 6.12 -7.05 -8.50
CA LEU A 34 6.81 -8.33 -8.48
C LEU A 34 7.56 -8.56 -9.78
N ASP A 35 8.72 -9.20 -9.67
CA ASP A 35 9.48 -9.65 -10.84
C ASP A 35 9.15 -11.13 -11.06
N VAL A 36 8.23 -11.38 -12.00
CA VAL A 36 7.79 -12.77 -12.21
C VAL A 36 8.78 -13.62 -12.98
N THR A 37 9.89 -13.04 -13.48
CA THR A 37 10.93 -13.86 -14.12
C THR A 37 11.81 -14.60 -13.13
N GLN A 38 11.72 -14.28 -11.83
CA GLN A 38 12.58 -14.86 -10.79
C GLN A 38 11.97 -16.11 -10.15
N ILE A 39 10.74 -16.49 -10.51
CA ILE A 39 10.04 -17.60 -9.87
C ILE A 39 9.54 -18.55 -10.93
N THR A 40 9.30 -19.80 -10.52
CA THR A 40 8.66 -20.76 -11.39
C THR A 40 7.16 -20.81 -11.17
N HIS A 41 6.71 -20.56 -9.94
CA HIS A 41 5.30 -20.63 -9.59
C HIS A 41 4.95 -19.44 -8.71
N LEU A 42 3.73 -18.92 -8.89
CA LEU A 42 3.16 -17.86 -8.07
C LEU A 42 1.89 -18.38 -7.38
N ASN A 43 1.88 -18.35 -6.05
CA ASN A 43 0.69 -18.70 -5.27
C ASN A 43 0.02 -17.39 -4.89
N TYR A 44 -0.99 -16.99 -5.64
CA TYR A 44 -1.73 -15.78 -5.28
C TYR A 44 -2.59 -16.06 -4.06
N SER A 45 -2.47 -15.23 -3.03
CA SER A 45 -3.11 -15.46 -1.73
C SER A 45 -4.02 -14.30 -1.33
N PHE A 46 -5.25 -14.53 -0.84
CA PHE A 46 -5.85 -15.84 -0.65
C PHE A 46 -7.30 -15.83 -1.13
N GLY A 47 -7.77 -16.97 -1.63
CA GLY A 47 -9.21 -17.22 -1.61
C GLY A 47 -9.62 -17.69 -0.22
N LEU A 48 -10.83 -17.31 0.19
CA LEU A 48 -11.39 -17.74 1.47
C LEU A 48 -12.54 -18.72 1.20
N ILE A 49 -13.17 -19.21 2.27
CA ILE A 49 -14.21 -20.23 2.17
C ILE A 49 -15.46 -19.72 2.89
N TYR A 50 -16.57 -19.63 2.16
CA TYR A 50 -17.85 -19.34 2.80
C TYR A 50 -18.14 -20.44 3.81
N ASN A 51 -18.48 -20.06 5.04
CA ASN A 51 -18.58 -21.07 6.08
C ASN A 51 -19.66 -20.70 7.09
N ASP A 52 -20.05 -21.70 7.89
CA ASP A 52 -21.06 -21.55 8.91
C ASP A 52 -20.50 -21.63 10.32
N GLU A 53 -19.20 -21.38 10.51
CA GLU A 53 -18.60 -21.37 11.83
C GLU A 53 -19.13 -20.18 12.62
N LYS A 54 -19.67 -20.46 13.82
CA LYS A 54 -20.36 -19.42 14.59
C LYS A 54 -19.43 -18.29 15.03
N GLN A 55 -18.13 -18.53 15.12
CA GLN A 55 -17.18 -17.49 15.50
C GLN A 55 -16.64 -16.68 14.33
N GLU A 56 -17.11 -16.93 13.12
CA GLU A 56 -16.65 -16.18 11.96
C GLU A 56 -17.06 -14.71 12.09
N THR A 57 -16.11 -13.80 11.90
CA THR A 57 -16.40 -12.38 12.02
C THR A 57 -16.42 -11.63 10.71
N ASN A 58 -16.07 -12.28 9.59
CA ASN A 58 -16.20 -11.66 8.29
C ASN A 58 -17.60 -11.95 7.77
N PRO A 59 -18.52 -10.99 7.78
CA PRO A 59 -19.91 -11.30 7.45
C PRO A 59 -20.10 -11.74 6.02
N ALA A 60 -19.20 -11.35 5.11
CA ALA A 60 -19.30 -11.77 3.72
C ALA A 60 -19.20 -13.29 3.57
N LEU A 61 -18.45 -13.95 4.46
CA LEU A 61 -18.33 -15.41 4.38
C LEU A 61 -19.55 -16.12 4.96
N LYS A 62 -20.48 -15.39 5.59
CA LYS A 62 -21.62 -15.98 6.27
C LYS A 62 -22.85 -16.11 5.39
N ASP A 63 -22.74 -15.82 4.08
CA ASP A 63 -23.84 -15.99 3.12
C ASP A 63 -24.23 -17.46 3.05
N PRO A 64 -25.41 -17.83 3.57
CA PRO A 64 -25.77 -19.26 3.61
C PRO A 64 -25.94 -19.90 2.25
N SER A 65 -26.24 -19.10 1.22
CA SER A 65 -26.46 -19.64 -0.12
C SER A 65 -25.18 -19.98 -0.87
N ARG A 66 -24.00 -19.69 -0.30
CA ARG A 66 -22.76 -20.05 -0.97
C ARG A 66 -21.86 -20.89 -0.08
N LEU A 67 -22.44 -21.48 0.96
CA LEU A 67 -21.71 -22.31 1.91
C LEU A 67 -20.83 -23.33 1.20
N HIS A 68 -19.56 -23.40 1.62
CA HIS A 68 -18.52 -24.32 1.16
C HIS A 68 -17.84 -23.89 -0.15
N GLN A 69 -18.26 -22.79 -0.77
CA GLN A 69 -17.62 -22.31 -2.00
C GLN A 69 -16.48 -21.34 -1.65
N ILE A 70 -15.72 -20.97 -2.67
CA ILE A 70 -14.58 -20.06 -2.51
CA ILE A 70 -14.58 -20.07 -2.53
C ILE A 70 -15.05 -18.62 -2.63
N TYR A 71 -14.60 -17.77 -1.70
CA TYR A 71 -14.86 -16.35 -1.74
C TYR A 71 -13.63 -15.61 -2.25
N LEU A 72 -13.83 -14.75 -3.25
CA LEU A 72 -12.78 -13.90 -3.79
C LEU A 72 -13.19 -12.46 -3.56
N SER A 73 -12.36 -11.71 -2.83
CA SER A 73 -12.66 -10.31 -2.55
C SER A 73 -12.48 -9.49 -3.83
N PRO A 74 -13.00 -8.25 -3.86
CA PRO A 74 -12.78 -7.40 -5.04
C PRO A 74 -11.33 -7.23 -5.45
N LYS A 75 -10.41 -7.01 -4.50
CA LYS A 75 -9.00 -6.89 -4.89
C LYS A 75 -8.46 -8.19 -5.46
N VAL A 76 -8.84 -9.33 -4.87
CA VAL A 76 -8.41 -10.61 -5.39
C VAL A 76 -8.86 -10.80 -6.82
N MET A 77 -10.14 -10.49 -7.11
CA MET A 77 -10.64 -10.59 -8.47
C MET A 77 -9.86 -9.67 -9.42
N ALA A 78 -9.62 -8.44 -8.99
CA ALA A 78 -8.90 -7.47 -9.81
C ALA A 78 -7.49 -7.96 -10.12
N ASP A 79 -6.78 -8.45 -9.10
CA ASP A 79 -5.43 -8.97 -9.34
C ASP A 79 -5.45 -10.19 -10.26
N LEU A 80 -6.41 -11.10 -10.06
CA LEU A 80 -6.44 -12.30 -10.90
C LEU A 80 -6.68 -11.95 -12.37
N GLN A 81 -7.42 -10.88 -12.63
CA GLN A 81 -7.63 -10.46 -14.03
C GLN A 81 -6.35 -9.92 -14.67
N LEU A 82 -5.35 -9.56 -13.90
CA LEU A 82 -4.08 -9.06 -14.44
C LEU A 82 -3.11 -10.17 -14.82
N LEU A 83 -3.42 -11.43 -14.47
CA LEU A 83 -2.53 -12.54 -14.80
C LEU A 83 -2.08 -12.60 -16.27
N PRO A 84 -2.93 -12.34 -17.27
CA PRO A 84 -2.42 -12.34 -18.65
C PRO A 84 -1.23 -11.40 -18.86
N VAL A 85 -1.20 -10.27 -18.16
CA VAL A 85 -0.08 -9.33 -18.28
C VAL A 85 1.18 -9.93 -17.68
N LEU A 86 1.07 -10.53 -16.49
CA LEU A 86 2.23 -11.15 -15.86
C LEU A 86 2.78 -12.30 -16.69
N ARG A 87 1.88 -13.07 -17.31
CA ARG A 87 2.32 -14.19 -18.13
C ARG A 87 3.10 -13.73 -19.36
N LYS A 88 2.79 -12.54 -19.87
CA LYS A 88 3.55 -12.05 -21.03
C LYS A 88 5.00 -11.76 -20.66
N GLN A 89 5.26 -11.43 -19.41
CA GLN A 89 6.63 -11.23 -18.95
C GLN A 89 7.36 -12.54 -18.68
N ASN A 90 6.63 -13.58 -18.26
CA ASN A 90 7.22 -14.90 -18.07
C ASN A 90 6.23 -15.95 -18.54
N PRO A 91 6.31 -16.35 -19.81
CA PRO A 91 5.34 -17.32 -20.35
C PRO A 91 5.44 -18.70 -19.75
N GLU A 92 6.52 -19.01 -19.03
CA GLU A 92 6.64 -20.29 -18.35
C GLU A 92 6.03 -20.27 -16.96
N LEU A 93 5.69 -19.08 -16.45
CA LEU A 93 5.18 -18.97 -15.09
C LEU A 93 3.89 -19.78 -14.92
N LYS A 94 3.77 -20.48 -13.80
CA LYS A 94 2.54 -21.18 -13.44
C LYS A 94 1.94 -20.41 -12.27
N VAL A 95 0.63 -20.15 -12.32
CA VAL A 95 -0.04 -19.36 -11.31
C VAL A 95 -1.12 -20.20 -10.66
N LEU A 96 -1.09 -20.27 -9.33
CA LEU A 96 -2.08 -20.98 -8.54
C LEU A 96 -2.80 -19.99 -7.64
N LEU A 97 -4.05 -20.30 -7.30
CA LEU A 97 -4.71 -19.61 -6.21
C LEU A 97 -4.51 -20.42 -4.94
N SER A 98 -4.07 -19.75 -3.87
CA SER A 98 -4.01 -20.39 -2.56
CA SER A 98 -4.00 -20.37 -2.55
C SER A 98 -5.29 -20.07 -1.81
N VAL A 99 -5.94 -21.12 -1.31
CA VAL A 99 -7.16 -21.00 -0.52
C VAL A 99 -6.80 -21.32 0.93
N GLY A 100 -7.15 -20.40 1.82
CA GLY A 100 -6.88 -20.61 3.24
C GLY A 100 -6.03 -19.54 3.86
N GLY A 101 -4.94 -19.96 4.51
CA GLY A 101 -4.09 -19.07 5.27
C GLY A 101 -4.43 -19.12 6.76
N TRP A 102 -3.55 -18.51 7.55
CA TRP A 102 -3.73 -18.46 9.00
C TRP A 102 -5.06 -17.80 9.34
N GLY A 103 -5.86 -18.48 10.18
CA GLY A 103 -7.13 -17.94 10.60
C GLY A 103 -8.29 -18.14 9.64
N ALA A 104 -8.05 -18.78 8.48
CA ALA A 104 -9.10 -18.93 7.48
C ALA A 104 -9.99 -20.10 7.86
N ARG A 105 -11.27 -19.82 8.03
CA ARG A 105 -12.24 -20.82 8.43
C ARG A 105 -12.78 -21.56 7.21
N GLY A 106 -13.50 -22.65 7.48
CA GLY A 106 -14.31 -23.29 6.48
C GLY A 106 -13.81 -24.64 6.01
N PHE A 107 -12.54 -24.98 6.23
CA PHE A 107 -12.03 -26.24 5.68
C PHE A 107 -12.67 -27.44 6.38
N SER A 108 -12.78 -27.40 7.71
CA SER A 108 -13.32 -28.57 8.43
C SER A 108 -14.72 -28.90 7.94
N GLY A 109 -15.56 -27.87 7.76
CA GLY A 109 -16.90 -28.09 7.27
C GLY A 109 -16.95 -28.45 5.80
N ALA A 110 -16.10 -27.80 4.99
CA ALA A 110 -16.06 -28.14 3.57
C ALA A 110 -15.62 -29.58 3.33
N ALA A 111 -14.73 -30.11 4.17
CA ALA A 111 -14.22 -31.46 3.94
C ALA A 111 -15.10 -32.56 4.52
N ALA A 112 -16.15 -32.21 5.29
CA ALA A 112 -16.75 -33.15 6.23
C ALA A 112 -17.65 -34.20 5.57
N THR A 113 -18.34 -33.86 4.49
CA THR A 113 -19.30 -34.78 3.89
C THR A 113 -19.07 -34.88 2.39
N ALA A 114 -19.65 -35.92 1.80
CA ALA A 114 -19.58 -36.07 0.35
C ALA A 114 -20.18 -34.87 -0.36
N GLU A 115 -21.32 -34.38 0.14
CA GLU A 115 -22.00 -33.25 -0.49
C GLU A 115 -21.19 -31.95 -0.34
N SER A 116 -20.60 -31.73 0.84
CA SER A 116 -19.84 -30.49 1.04
C SER A 116 -18.56 -30.50 0.20
N ARG A 117 -17.88 -31.64 0.14
CA ARG A 117 -16.69 -31.74 -0.70
C ARG A 117 -17.01 -31.48 -2.16
N ALA A 118 -18.16 -31.97 -2.64
CA ALA A 118 -18.52 -31.76 -4.04
C ALA A 118 -18.75 -30.27 -4.33
N VAL A 119 -19.39 -29.55 -3.41
CA VAL A 119 -19.58 -28.10 -3.61
C VAL A 119 -18.23 -27.40 -3.67
N PHE A 120 -17.35 -27.71 -2.71
CA PHE A 120 -16.05 -27.05 -2.69
C PHE A 120 -15.26 -27.34 -3.97
N ILE A 121 -15.26 -28.60 -4.42
CA ILE A 121 -14.51 -28.97 -5.60
C ILE A 121 -15.06 -28.29 -6.84
N ARG A 122 -16.39 -28.20 -6.95
CA ARG A 122 -16.98 -27.49 -8.09
C ARG A 122 -16.57 -26.03 -8.09
N SER A 123 -16.48 -25.41 -6.91
CA SER A 123 -16.06 -24.02 -6.82
C SER A 123 -14.60 -23.85 -7.23
N VAL A 124 -13.72 -24.79 -6.83
CA VAL A 124 -12.33 -24.76 -7.26
C VAL A 124 -12.23 -24.78 -8.78
N GLN A 125 -12.91 -25.75 -9.40
CA GLN A 125 -12.86 -25.89 -10.85
C GLN A 125 -13.31 -24.60 -11.53
N GLN A 126 -14.38 -23.99 -11.01
CA GLN A 126 -14.91 -22.74 -11.53
C GLN A 126 -13.88 -21.61 -11.49
N VAL A 127 -13.25 -21.43 -10.32
CA VAL A 127 -12.25 -20.37 -10.17
C VAL A 127 -11.06 -20.61 -11.09
N ILE A 128 -10.62 -21.87 -11.19
CA ILE A 128 -9.51 -22.19 -12.09
C ILE A 128 -9.88 -21.85 -13.53
N LYS A 129 -11.09 -22.22 -13.95
CA LYS A 129 -11.48 -21.97 -15.33
C LYS A 129 -11.67 -20.48 -15.60
N GLN A 130 -12.34 -19.76 -14.68
CA GLN A 130 -12.66 -18.36 -14.94
C GLN A 130 -11.41 -17.49 -15.00
N TYR A 131 -10.41 -17.75 -14.16
CA TYR A 131 -9.21 -16.94 -14.12
C TYR A 131 -8.02 -17.57 -14.84
N HIS A 132 -8.23 -18.68 -15.55
CA HIS A 132 -7.19 -19.36 -16.32
C HIS A 132 -5.97 -19.70 -15.45
N LEU A 133 -6.26 -20.23 -14.27
CA LEU A 133 -5.19 -20.59 -13.35
C LEU A 133 -4.58 -21.93 -13.75
N ASP A 134 -3.34 -22.14 -13.32
CA ASP A 134 -2.67 -23.41 -13.52
C ASP A 134 -2.96 -24.43 -12.41
N GLY A 135 -3.57 -24.03 -11.30
CA GLY A 135 -3.89 -25.00 -10.27
C GLY A 135 -4.31 -24.32 -8.98
N ILE A 136 -4.35 -25.13 -7.92
CA ILE A 136 -4.92 -24.72 -6.64
C ILE A 136 -3.99 -25.19 -5.53
N ASP A 137 -3.74 -24.29 -4.57
CA ASP A 137 -2.97 -24.60 -3.37
C ASP A 137 -3.90 -24.51 -2.16
N LEU A 138 -3.93 -25.56 -1.35
CA LEU A 138 -4.76 -25.57 -0.15
C LEU A 138 -3.87 -25.33 1.06
N ASP A 139 -4.17 -24.27 1.82
CA ASP A 139 -3.37 -23.85 2.97
C ASP A 139 -4.28 -23.87 4.19
N TRP A 140 -4.50 -25.07 4.72
CA TRP A 140 -5.39 -25.30 5.85
C TRP A 140 -4.56 -25.33 7.12
N GLN A 141 -4.80 -24.37 8.00
CA GLN A 141 -4.03 -24.26 9.24
C GLN A 141 -4.94 -24.38 10.47
N TYR A 142 -5.12 -25.59 11.01
CA TYR A 142 -4.61 -26.87 10.48
C TYR A 142 -5.72 -27.90 10.70
N PRO A 143 -5.76 -28.95 9.89
CA PRO A 143 -6.67 -30.06 10.19
C PRO A 143 -6.39 -30.63 11.58
N VAL A 144 -7.47 -31.08 12.24
CA VAL A 144 -7.46 -31.69 13.57
C VAL A 144 -7.21 -30.64 14.65
N ASN A 145 -6.09 -29.92 14.54
CA ASN A 145 -5.67 -29.00 15.58
C ASN A 145 -6.42 -27.67 15.54
N GLY A 146 -6.80 -27.20 14.35
CA GLY A 146 -7.54 -25.95 14.21
C GLY A 146 -6.76 -24.72 14.60
N ALA A 147 -5.43 -24.77 14.51
CA ALA A 147 -4.58 -23.68 14.99
C ALA A 147 -4.89 -23.39 16.45
N TRP A 148 -4.94 -24.44 17.25
CA TRP A 148 -5.21 -24.34 18.68
C TRP A 148 -6.52 -23.60 18.96
N GLY A 149 -7.56 -23.92 18.18
CA GLY A 149 -8.87 -23.33 18.37
C GLY A 149 -9.16 -22.05 17.59
N LEU A 150 -8.24 -21.59 16.75
CA LEU A 150 -8.50 -20.37 15.98
C LEU A 150 -9.51 -20.60 14.88
N VAL A 151 -9.62 -21.83 14.38
CA VAL A 151 -10.63 -22.23 13.41
C VAL A 151 -11.26 -23.53 13.93
N GLU A 152 -12.48 -23.82 13.46
CA GLU A 152 -13.13 -25.06 13.87
C GLU A 152 -12.37 -26.27 13.33
N SER A 153 -12.40 -27.36 14.08
CA SER A 153 -11.64 -28.54 13.70
C SER A 153 -12.28 -29.76 14.36
N GLN A 154 -11.87 -30.94 13.90
CA GLN A 154 -12.31 -32.19 14.51
C GLN A 154 -11.32 -33.28 14.13
N PRO A 155 -11.20 -34.34 14.93
CA PRO A 155 -10.24 -35.40 14.57
C PRO A 155 -10.54 -36.06 13.24
N ALA A 156 -11.79 -36.04 12.77
CA ALA A 156 -12.12 -36.56 11.45
C ALA A 156 -11.47 -35.76 10.32
N ASP A 157 -10.93 -34.56 10.61
CA ASP A 157 -10.30 -33.74 9.57
C ASP A 157 -9.17 -34.48 8.86
N ARG A 158 -8.42 -35.33 9.59
CA ARG A 158 -7.26 -35.98 8.99
CA ARG A 158 -7.26 -35.98 8.97
C ARG A 158 -7.69 -36.87 7.82
N ALA A 159 -8.68 -37.73 8.06
CA ALA A 159 -9.16 -38.59 6.99
C ALA A 159 -9.95 -37.82 5.95
N ASN A 160 -10.71 -36.80 6.38
CA ASN A 160 -11.49 -36.00 5.44
C ASN A 160 -10.59 -35.20 4.49
N PHE A 161 -9.45 -34.73 4.97
CA PHE A 161 -8.51 -34.02 4.09
C PHE A 161 -7.98 -34.94 2.99
N THR A 162 -7.64 -36.18 3.34
CA THR A 162 -7.21 -37.15 2.34
C THR A 162 -8.30 -37.40 1.30
N LEU A 163 -9.55 -37.56 1.74
CA LEU A 163 -10.65 -37.75 0.81
C LEU A 163 -10.83 -36.52 -0.07
N LEU A 164 -10.78 -35.33 0.51
CA LEU A 164 -10.92 -34.12 -0.28
C LEU A 164 -9.84 -34.02 -1.35
N LEU A 165 -8.60 -34.33 -1.00
CA LEU A 165 -7.52 -34.27 -1.98
C LEU A 165 -7.65 -35.35 -3.04
N ALA A 166 -8.06 -36.55 -2.64
CA ALA A 166 -8.30 -37.62 -3.61
C ALA A 166 -9.38 -37.23 -4.59
N GLU A 167 -10.46 -36.64 -4.10
CA GLU A 167 -11.60 -36.30 -4.95
C GLU A 167 -11.31 -35.09 -5.83
N LEU A 168 -10.57 -34.12 -5.29
CA LEU A 168 -10.13 -32.99 -6.10
C LEU A 168 -9.20 -33.44 -7.22
N HIS A 169 -8.25 -34.33 -6.91
CA HIS A 169 -7.36 -34.86 -7.92
C HIS A 169 -8.14 -35.57 -9.04
N LYS A 170 -9.19 -36.30 -8.66
CA LYS A 170 -10.02 -36.96 -9.67
C LYS A 170 -10.76 -35.95 -10.53
N ALA A 171 -11.24 -34.86 -9.94
CA ALA A 171 -12.07 -33.90 -10.65
C ALA A 171 -11.27 -32.96 -11.53
N LEU A 172 -10.06 -32.60 -11.11
CA LEU A 172 -9.29 -31.59 -11.84
C LEU A 172 -8.82 -32.11 -13.18
N ASP A 173 -8.83 -31.23 -14.19
CA ASP A 173 -8.25 -31.56 -15.48
C ASP A 173 -6.81 -31.99 -15.29
N LYS A 174 -6.39 -32.99 -16.06
CA LYS A 174 -4.99 -33.39 -16.05
C LYS A 174 -4.13 -32.20 -16.46
N GLY A 175 -2.99 -32.06 -15.81
CA GLY A 175 -2.12 -30.95 -16.03
C GLY A 175 -2.34 -29.78 -15.11
N LYS A 176 -3.51 -29.68 -14.47
CA LYS A 176 -3.69 -28.71 -13.40
C LYS A 176 -2.93 -29.18 -12.15
N LEU A 177 -2.40 -28.22 -11.41
CA LEU A 177 -1.61 -28.52 -10.23
C LEU A 177 -2.48 -28.55 -8.96
N LEU A 178 -2.15 -29.47 -8.06
CA LEU A 178 -2.77 -29.54 -6.75
C LEU A 178 -1.65 -29.59 -5.73
N THR A 179 -1.55 -28.56 -4.88
CA THR A 179 -0.50 -28.49 -3.86
C THR A 179 -1.12 -28.12 -2.52
N ILE A 180 -0.35 -28.33 -1.47
CA ILE A 180 -0.74 -27.91 -0.12
C ILE A 180 0.46 -27.33 0.62
N ALA A 181 0.14 -26.52 1.64
CA ALA A 181 1.12 -26.09 2.63
C ALA A 181 0.90 -26.89 3.91
N VAL A 182 2.00 -27.26 4.58
CA VAL A 182 1.92 -27.98 5.84
C VAL A 182 2.79 -27.30 6.88
N GLY A 183 2.41 -27.47 8.16
CA GLY A 183 3.04 -26.74 9.23
C GLY A 183 4.35 -27.34 9.70
N ALA A 184 5.10 -26.52 10.45
CA ALA A 184 6.35 -26.96 11.03
C ALA A 184 6.16 -27.87 12.24
N ASN A 185 5.04 -27.75 12.97
CA ASN A 185 4.87 -28.49 14.21
C ASN A 185 5.03 -29.99 14.00
N VAL A 186 5.72 -30.65 14.94
CA VAL A 186 5.95 -32.09 14.81
C VAL A 186 4.63 -32.86 14.79
N LYS A 187 3.58 -32.31 15.41
CA LYS A 187 2.30 -32.99 15.44
C LYS A 187 1.62 -32.99 14.08
N SER A 188 2.07 -32.16 13.14
CA SER A 188 1.44 -32.17 11.82
C SER A 188 1.57 -33.51 11.12
N PRO A 189 2.77 -34.03 10.83
CA PRO A 189 2.85 -35.37 10.24
C PRO A 189 2.44 -36.48 11.20
N GLN A 190 2.53 -36.26 12.52
CA GLN A 190 2.19 -37.32 13.46
C GLN A 190 0.69 -37.49 13.61
N GLU A 191 -0.06 -36.39 13.64
CA GLU A 191 -1.45 -36.43 14.09
C GLU A 191 -2.42 -35.69 13.17
N TRP A 192 -1.96 -34.65 12.48
CA TRP A 192 -2.93 -33.79 11.78
C TRP A 192 -3.14 -34.21 10.33
N VAL A 193 -2.10 -34.67 9.65
CA VAL A 193 -2.11 -34.88 8.20
C VAL A 193 -1.53 -36.26 7.90
N ASP A 194 -2.23 -37.03 7.07
CA ASP A 194 -1.75 -38.34 6.64
C ASP A 194 -0.84 -38.13 5.44
N VAL A 195 0.45 -37.85 5.70
CA VAL A 195 1.32 -37.43 4.61
C VAL A 195 1.52 -38.55 3.58
N LYS A 196 1.63 -39.79 4.05
CA LYS A 196 1.82 -40.91 3.12
C LYS A 196 0.57 -41.14 2.27
N GLY A 197 -0.61 -40.96 2.84
CA GLY A 197 -1.83 -41.18 2.09
C GLY A 197 -2.17 -40.09 1.10
N ILE A 198 -1.73 -38.86 1.35
CA ILE A 198 -2.05 -37.76 0.45
C ILE A 198 -0.99 -37.56 -0.63
N ALA A 199 0.22 -38.06 -0.43
CA ALA A 199 1.31 -37.83 -1.37
C ALA A 199 0.98 -38.21 -2.82
N PRO A 200 0.31 -39.33 -3.11
CA PRO A 200 0.01 -39.64 -4.51
C PRO A 200 -0.83 -38.59 -5.23
N TYR A 201 -1.55 -37.74 -4.52
CA TYR A 201 -2.44 -36.77 -5.17
C TYR A 201 -1.81 -35.41 -5.39
N LEU A 202 -0.58 -35.18 -4.92
CA LEU A 202 -0.03 -33.84 -4.83
C LEU A 202 1.17 -33.67 -5.75
N ASP A 203 1.18 -32.56 -6.49
CA ASP A 203 2.34 -32.29 -7.35
C ASP A 203 3.57 -31.94 -6.52
N TYR A 204 3.38 -31.21 -5.43
CA TYR A 204 4.46 -30.94 -4.47
C TYR A 204 3.82 -30.41 -3.20
N ILE A 205 4.64 -30.30 -2.16
CA ILE A 205 4.20 -29.95 -0.82
C ILE A 205 5.08 -28.81 -0.32
N ASN A 206 4.46 -27.72 0.12
CA ASN A 206 5.19 -26.55 0.59
C ASN A 206 5.34 -26.63 2.11
N LEU A 207 6.57 -26.78 2.60
CA LEU A 207 6.83 -26.86 4.04
C LEU A 207 6.96 -25.46 4.62
N MET A 208 6.10 -25.12 5.60
CA MET A 208 6.16 -23.79 6.23
C MET A 208 7.22 -23.76 7.33
N THR A 209 8.48 -23.82 6.89
CA THR A 209 9.64 -23.93 7.77
C THR A 209 10.07 -22.57 8.31
N TYR A 210 9.14 -21.94 9.01
CA TYR A 210 9.34 -20.62 9.62
C TYR A 210 8.34 -20.47 10.76
N ASP A 211 8.20 -19.25 11.27
CA ASP A 211 7.37 -18.98 12.47
C ASP A 211 7.78 -19.84 13.67
N MET A 212 9.08 -19.91 13.92
CA MET A 212 9.63 -20.63 15.05
C MET A 212 10.01 -19.74 16.22
N ALA A 213 9.82 -18.42 16.12
CA ALA A 213 10.26 -17.50 17.18
C ALA A 213 9.19 -17.31 18.26
N TYR A 214 8.79 -18.44 18.84
CA TYR A 214 7.76 -18.52 19.86
C TYR A 214 8.29 -19.24 21.10
N GLY A 215 7.57 -19.09 22.22
CA GLY A 215 7.99 -19.77 23.43
C GLY A 215 9.37 -19.32 23.86
N THR A 216 10.27 -20.29 24.05
CA THR A 216 11.63 -20.02 24.51
C THR A 216 12.64 -19.97 23.37
N GLN A 217 12.19 -19.94 22.11
CA GLN A 217 13.11 -19.92 20.97
C GLN A 217 13.33 -18.50 20.44
N TYR A 218 14.59 -18.14 20.20
CA TYR A 218 14.92 -16.81 19.68
C TYR A 218 14.68 -16.71 18.18
N PHE A 219 15.05 -17.74 17.42
CA PHE A 219 15.12 -17.66 15.97
C PHE A 219 13.81 -18.03 15.27
N ASN A 220 13.51 -17.30 14.20
CA ASN A 220 12.24 -17.52 13.49
C ASN A 220 12.35 -18.53 12.36
N SER A 221 13.53 -18.65 11.74
CA SER A 221 13.69 -19.50 10.57
C SER A 221 15.12 -20.02 10.45
N ASN A 222 15.77 -20.29 11.59
CA ASN A 222 17.08 -20.92 11.61
C ASN A 222 17.09 -22.24 10.84
N LEU A 223 18.17 -22.48 10.10
CA LEU A 223 18.32 -23.75 9.38
C LEU A 223 18.66 -24.88 10.35
N TYR A 224 19.57 -24.62 11.30
CA TYR A 224 19.97 -25.53 12.36
C TYR A 224 19.82 -24.82 13.70
N ASP A 225 19.98 -25.55 14.80
CA ASP A 225 19.83 -24.96 16.12
C ASP A 225 20.98 -23.99 16.42
N SER A 226 20.64 -22.85 17.03
CA SER A 226 21.67 -21.96 17.56
C SER A 226 22.27 -22.52 18.84
N LYS A 227 23.57 -22.31 19.01
CA LYS A 227 24.23 -22.62 20.27
C LYS A 227 24.53 -21.37 21.09
N GLN A 228 24.84 -20.24 20.45
CA GLN A 228 25.01 -18.99 21.19
C GLN A 228 23.71 -18.51 21.80
N TRP A 229 22.58 -18.74 21.12
CA TRP A 229 21.25 -18.28 21.58
C TRP A 229 20.30 -19.48 21.64
N PRO A 230 20.50 -20.37 22.60
CA PRO A 230 19.81 -21.66 22.55
C PRO A 230 18.38 -21.59 23.05
N THR A 231 17.51 -22.38 22.41
CA THR A 231 16.16 -22.56 22.90
C THR A 231 16.20 -23.42 24.16
N VAL A 232 15.33 -23.11 25.12
CA VAL A 232 15.38 -23.73 26.44
C VAL A 232 14.44 -24.93 26.54
N ALA A 233 13.16 -24.78 26.20
CA ALA A 233 12.20 -25.87 26.30
C ALA A 233 12.28 -26.78 25.08
N ALA A 234 12.28 -28.09 25.31
CA ALA A 234 12.39 -29.04 24.21
C ALA A 234 11.26 -28.87 23.21
N ALA A 235 10.04 -28.61 23.69
CA ALA A 235 8.89 -28.52 22.79
C ALA A 235 8.93 -27.28 21.91
N ASP A 236 9.83 -26.34 22.17
CA ASP A 236 10.01 -25.15 21.35
C ASP A 236 11.20 -25.26 20.41
N ARG A 237 12.00 -26.32 20.50
CA ARG A 237 13.29 -26.37 19.81
C ARG A 237 13.07 -26.81 18.38
N TYR A 238 13.02 -25.85 17.46
CA TYR A 238 12.73 -26.08 16.05
C TYR A 238 13.84 -25.50 15.19
N SER A 239 13.96 -26.08 13.99
CA SER A 239 14.81 -25.56 12.92
C SER A 239 14.23 -26.06 11.62
N ALA A 240 14.57 -25.39 10.52
CA ALA A 240 14.11 -25.88 9.23
C ALA A 240 14.57 -27.31 8.97
N ASN A 241 15.82 -27.63 9.32
CA ASN A 241 16.32 -28.99 9.10
C ASN A 241 15.55 -30.02 9.94
N PHE A 242 15.29 -29.71 11.21
CA PHE A 242 14.49 -30.58 12.07
C PHE A 242 13.12 -30.86 11.45
N VAL A 243 12.49 -29.83 10.89
CA VAL A 243 11.17 -30.01 10.28
C VAL A 243 11.26 -30.93 9.08
N VAL A 244 12.24 -30.70 8.19
CA VAL A 244 12.43 -31.56 7.04
C VAL A 244 12.61 -33.00 7.47
N ASP A 245 13.47 -33.25 8.45
CA ASP A 245 13.73 -34.62 8.87
C ASP A 245 12.48 -35.27 9.46
N ASN A 246 11.64 -34.50 10.15
CA ASN A 246 10.40 -35.07 10.69
C ASN A 246 9.46 -35.51 9.56
N TYR A 247 9.38 -34.72 8.48
CA TYR A 247 8.54 -35.10 7.35
C TYR A 247 9.13 -36.27 6.59
N LEU A 248 10.46 -36.32 6.45
CA LEU A 248 11.08 -37.50 5.83
C LEU A 248 10.84 -38.76 6.66
N ALA A 249 10.95 -38.64 7.99
CA ALA A 249 10.69 -39.81 8.84
C ALA A 249 9.26 -40.29 8.70
N ALA A 250 8.34 -39.38 8.35
CA ALA A 250 6.93 -39.73 8.16
C ALA A 250 6.66 -40.43 6.84
N GLY A 251 7.63 -40.45 5.93
CA GLY A 251 7.50 -41.17 4.68
C GLY A 251 7.42 -40.33 3.43
N LEU A 252 7.62 -39.01 3.51
CA LEU A 252 7.65 -38.21 2.31
C LEU A 252 9.04 -38.31 1.67
N LYS A 253 9.06 -38.28 0.37
CA LYS A 253 10.32 -38.28 -0.36
C LYS A 253 10.81 -36.85 -0.55
N PRO A 254 12.11 -36.63 -0.47
CA PRO A 254 12.61 -35.23 -0.53
C PRO A 254 12.21 -34.50 -1.80
N ALA A 255 12.15 -35.17 -2.96
CA ALA A 255 11.90 -34.47 -4.21
C ALA A 255 10.52 -33.84 -4.26
N GLN A 256 9.56 -34.34 -3.47
CA GLN A 256 8.23 -33.77 -3.46
C GLN A 256 8.13 -32.50 -2.61
N LEU A 257 9.17 -32.16 -1.85
CA LEU A 257 9.06 -31.10 -0.85
C LEU A 257 9.72 -29.82 -1.34
N ASN A 258 9.10 -28.69 -1.01
CA ASN A 258 9.72 -27.37 -1.16
C ASN A 258 10.01 -26.81 0.22
N LEU A 259 11.23 -26.33 0.42
CA LEU A 259 11.61 -25.74 1.70
C LEU A 259 11.10 -24.32 1.73
N GLY A 260 10.26 -24.00 2.72
CA GLY A 260 9.74 -22.66 2.86
C GLY A 260 10.77 -21.71 3.45
N ILE A 261 10.83 -20.52 2.86
CA ILE A 261 11.77 -19.47 3.25
C ILE A 261 10.97 -18.22 3.59
N GLY A 262 11.27 -17.61 4.73
CA GLY A 262 10.55 -16.42 5.14
C GLY A 262 11.20 -15.13 4.68
N PHE A 263 10.49 -14.33 3.89
CA PHE A 263 10.96 -13.00 3.50
C PHE A 263 10.53 -11.97 4.55
N TYR A 264 10.77 -12.30 5.81
CA TYR A 264 10.35 -11.49 6.95
C TYR A 264 11.07 -12.00 8.19
N GLY A 265 10.91 -11.27 9.28
CA GLY A 265 11.41 -11.70 10.57
C GLY A 265 10.33 -11.54 11.63
N ARG A 266 10.65 -12.07 12.82
CA ARG A 266 9.77 -11.90 13.98
C ARG A 266 10.59 -11.53 15.20
N VAL A 267 10.06 -10.60 15.98
CA VAL A 267 10.59 -10.34 17.32
C VAL A 267 10.18 -11.55 18.15
N PRO A 268 11.11 -12.25 18.79
CA PRO A 268 10.73 -13.46 19.54
C PRO A 268 9.81 -13.13 20.70
N LYS A 269 8.85 -14.04 20.94
CA LYS A 269 7.97 -13.89 22.09
C LYS A 269 8.75 -13.86 23.40
N ARG A 270 9.91 -14.53 23.41
CA ARG A 270 10.78 -14.57 24.57
C ARG A 270 11.19 -13.17 25.02
N ALA A 271 11.20 -12.19 24.10
CA ALA A 271 11.59 -10.82 24.47
C ALA A 271 10.54 -10.15 25.35
N THR A 272 9.25 -10.47 25.18
CA THR A 272 8.20 -9.76 25.89
C THR A 272 7.29 -10.62 26.75
N GLU A 273 7.41 -11.96 26.71
CA GLU A 273 6.52 -12.83 27.47
C GLU A 273 7.34 -13.93 28.13
N PRO A 274 7.00 -14.31 29.36
CA PRO A 274 7.72 -15.41 30.00
C PRO A 274 7.55 -16.70 29.20
N GLY A 275 8.62 -17.49 29.16
CA GLY A 275 8.63 -18.76 28.45
C GLY A 275 8.45 -19.92 29.42
N ILE A 276 7.50 -20.80 29.10
CA ILE A 276 7.11 -21.91 29.94
C ILE A 276 7.60 -23.21 29.31
N ASP A 277 8.19 -24.09 30.13
CA ASP A 277 8.54 -25.44 29.70
C ASP A 277 7.50 -26.35 30.34
N TRP A 278 6.56 -26.83 29.53
CA TRP A 278 5.48 -27.65 30.08
C TRP A 278 5.93 -29.07 30.43
N ASP A 279 7.11 -29.48 30.00
CA ASP A 279 7.69 -30.78 30.36
C ASP A 279 8.53 -30.71 31.63
N LYS A 280 8.65 -29.54 32.25
CA LYS A 280 9.40 -29.42 33.49
C LYS A 280 8.77 -30.31 34.55
N ALA A 281 9.62 -31.11 35.21
CA ALA A 281 9.12 -31.95 36.30
C ALA A 281 8.57 -31.11 37.43
N ASP A 282 9.24 -29.99 37.74
CA ASP A 282 8.89 -29.12 38.86
C ASP A 282 8.23 -27.85 38.29
N ALA A 283 6.92 -27.71 38.52
CA ALA A 283 6.20 -26.51 38.07
C ALA A 283 6.72 -25.23 38.72
N ALA A 284 7.36 -25.35 39.89
CA ALA A 284 7.89 -24.18 40.58
C ALA A 284 9.05 -23.54 39.83
N LYS A 285 9.65 -24.25 38.88
CA LYS A 285 10.75 -23.73 38.09
C LYS A 285 10.30 -22.96 36.86
N ASN A 286 9.00 -22.93 36.58
CA ASN A 286 8.47 -22.11 35.50
C ASN A 286 8.16 -20.72 36.02
N PRO A 287 8.35 -19.68 35.19
CA PRO A 287 8.86 -19.73 33.81
C PRO A 287 10.36 -19.94 33.68
N VAL A 288 10.77 -20.68 32.64
CA VAL A 288 12.18 -20.97 32.44
C VAL A 288 12.92 -19.84 31.71
N THR A 289 12.19 -18.93 31.05
CA THR A 289 12.76 -17.70 30.53
C THR A 289 11.88 -16.53 30.95
N GLN A 290 12.50 -15.36 31.07
CA GLN A 290 11.81 -14.12 31.44
C GLN A 290 12.02 -13.06 30.36
N PRO A 291 11.04 -12.19 30.14
CA PRO A 291 11.20 -11.14 29.13
C PRO A 291 12.39 -10.25 29.43
N TYR A 292 13.08 -9.83 28.37
CA TYR A 292 14.23 -8.95 28.50
C TYR A 292 14.03 -7.58 27.88
N PHE A 293 12.93 -7.36 27.15
CA PHE A 293 12.57 -6.03 26.69
C PHE A 293 11.96 -5.27 27.86
N THR A 294 12.40 -4.04 28.07
CA THR A 294 11.72 -3.11 28.95
C THR A 294 10.79 -2.24 28.12
N ALA A 295 10.05 -1.36 28.78
CA ALA A 295 9.12 -0.49 28.06
C ALA A 295 9.84 0.33 26.98
N ARG A 296 11.12 0.64 27.21
CA ARG A 296 11.89 1.39 26.22
C ARG A 296 11.98 0.64 24.90
N GLU A 297 12.34 -0.64 24.96
CA GLU A 297 12.50 -1.41 23.72
C GLU A 297 11.16 -1.64 23.02
N THR A 298 10.12 -2.01 23.77
CA THR A 298 8.83 -2.20 23.14
C THR A 298 8.32 -0.89 22.52
N ALA A 299 8.65 0.26 23.12
CA ALA A 299 8.23 1.53 22.56
C ALA A 299 8.92 1.84 21.23
N VAL A 300 10.18 1.40 21.06
CA VAL A 300 10.83 1.59 19.77
C VAL A 300 10.04 0.89 18.67
N PHE A 301 9.64 -0.35 18.93
CA PHE A 301 8.91 -1.09 17.91
C PHE A 301 7.50 -0.54 17.70
N LYS A 302 6.85 -0.12 18.78
CA LYS A 302 5.51 0.45 18.66
C LYS A 302 5.53 1.70 17.80
N ALA A 303 6.56 2.54 17.94
CA ALA A 303 6.66 3.75 17.14
C ALA A 303 6.84 3.43 15.65
N MET A 304 7.41 2.27 15.33
CA MET A 304 7.52 1.83 13.94
C MET A 304 6.27 1.15 13.43
N GLY A 305 5.22 1.04 14.26
CA GLY A 305 4.00 0.40 13.87
C GLY A 305 3.90 -1.07 14.25
N LEU A 306 4.82 -1.58 15.06
CA LEU A 306 4.78 -2.97 15.52
C LEU A 306 4.38 -2.99 17.00
N ASP A 307 3.12 -3.32 17.26
CA ASP A 307 2.60 -3.45 18.62
C ASP A 307 2.86 -4.87 19.11
N LEU A 308 3.90 -5.04 19.93
CA LEU A 308 4.31 -6.38 20.31
C LEU A 308 3.30 -7.07 21.22
N THR A 309 2.27 -6.37 21.69
CA THR A 309 1.20 -7.03 22.42
C THR A 309 0.25 -7.80 21.51
N LYS A 310 0.30 -7.59 20.19
CA LYS A 310 -0.61 -8.19 19.23
C LYS A 310 0.07 -9.04 18.18
N ASP A 311 1.25 -8.64 17.70
CA ASP A 311 1.92 -9.39 16.65
C ASP A 311 3.40 -9.03 16.65
N SER A 312 4.17 -9.84 15.94
CA SER A 312 5.63 -9.75 15.93
C SER A 312 6.20 -9.81 14.52
N TYR A 313 5.36 -9.81 13.50
CA TYR A 313 5.76 -9.95 12.10
C TYR A 313 6.33 -8.65 11.55
N PHE A 314 7.51 -8.74 10.91
CA PHE A 314 8.19 -7.58 10.33
C PHE A 314 8.64 -7.94 8.91
N LYS A 315 8.05 -7.30 7.89
CA LYS A 315 8.45 -7.56 6.52
C LYS A 315 9.94 -7.29 6.31
N TYR A 316 10.57 -8.10 5.45
CA TYR A 316 12.00 -7.90 5.16
C TYR A 316 12.29 -6.50 4.64
N ASN A 317 11.46 -5.99 3.71
CA ASN A 317 11.71 -4.64 3.22
C ASN A 317 11.62 -3.60 4.33
N ASP A 318 10.78 -3.84 5.35
CA ASP A 318 10.76 -2.97 6.52
C ASP A 318 11.95 -3.19 7.44
N ILE A 319 12.44 -4.43 7.57
CA ILE A 319 13.70 -4.65 8.31
C ILE A 319 14.83 -3.82 7.70
N VAL A 320 14.93 -3.83 6.37
CA VAL A 320 16.00 -3.09 5.71
C VAL A 320 15.83 -1.59 5.95
N SER A 321 14.64 -1.07 5.67
CA SER A 321 14.44 0.37 5.71
C SER A 321 14.41 0.93 7.13
N LYS A 322 13.79 0.21 8.07
CA LYS A 322 13.58 0.76 9.41
C LYS A 322 14.56 0.28 10.46
N LEU A 323 15.16 -0.91 10.29
CA LEU A 323 16.06 -1.44 11.32
C LEU A 323 17.51 -1.36 10.87
N LEU A 324 17.87 -1.97 9.74
CA LEU A 324 19.26 -1.91 9.26
C LEU A 324 19.66 -0.48 9.00
N ASN A 325 18.77 0.30 8.39
CA ASN A 325 19.03 1.68 8.03
C ASN A 325 18.36 2.68 8.96
N ASP A 326 18.11 2.28 10.21
CA ASP A 326 17.61 3.18 11.24
C ASP A 326 18.55 4.39 11.36
N PRO A 327 18.07 5.61 11.13
CA PRO A 327 18.99 6.77 11.23
C PRO A 327 19.73 6.86 12.56
N GLN A 328 19.09 6.49 13.66
CA GLN A 328 19.74 6.51 14.97
C GLN A 328 20.69 5.34 15.20
N ARG A 329 20.80 4.40 14.25
CA ARG A 329 21.76 3.30 14.35
C ARG A 329 21.55 2.46 15.63
N ARG A 330 20.28 2.21 15.98
CA ARG A 330 19.95 1.48 17.20
C ARG A 330 20.16 -0.03 17.09
N PHE A 331 20.24 -0.57 15.88
CA PHE A 331 20.25 -2.01 15.67
C PHE A 331 21.58 -2.44 15.06
N THR A 332 22.20 -3.46 15.65
CA THR A 332 23.44 -4.02 15.11
C THR A 332 23.15 -5.39 14.52
N ALA A 333 23.61 -5.60 13.30
CA ALA A 333 23.43 -6.87 12.61
C ALA A 333 24.54 -7.85 12.98
N HIS A 334 24.16 -9.12 13.10
CA HIS A 334 25.08 -10.20 13.45
C HIS A 334 24.75 -11.42 12.61
N TRP A 335 25.68 -12.38 12.60
CA TRP A 335 25.48 -13.65 11.91
C TRP A 335 25.63 -14.77 12.91
N ASP A 336 24.67 -15.71 12.93
CA ASP A 336 24.76 -16.88 13.79
C ASP A 336 25.29 -18.03 12.94
N SER A 337 26.56 -18.41 13.16
CA SER A 337 27.19 -19.36 12.26
C SER A 337 26.58 -20.76 12.38
N ASP A 338 26.04 -21.11 13.55
CA ASP A 338 25.41 -22.42 13.68
C ASP A 338 24.02 -22.43 13.06
N ALA A 339 23.21 -21.40 13.34
CA ALA A 339 21.86 -21.32 12.82
C ALA A 339 21.82 -20.94 11.34
N GLN A 340 22.88 -20.31 10.83
CA GLN A 340 23.01 -19.91 9.43
C GLN A 340 22.00 -18.84 9.01
N VAL A 341 21.69 -17.91 9.92
CA VAL A 341 20.79 -16.80 9.64
C VAL A 341 21.29 -15.56 10.36
N PRO A 342 20.93 -14.38 9.85
CA PRO A 342 21.27 -13.13 10.53
C PRO A 342 20.28 -12.81 11.63
N TYR A 343 20.71 -11.93 12.52
CA TYR A 343 19.82 -11.40 13.54
C TYR A 343 20.33 -10.02 13.95
N LEU A 344 19.45 -9.26 14.60
CA LEU A 344 19.77 -7.91 15.07
C LEU A 344 19.68 -7.85 16.59
N THR A 345 20.56 -7.05 17.18
CA THR A 345 20.48 -6.75 18.59
C THR A 345 20.26 -5.25 18.77
N MET A 346 19.69 -4.88 19.91
CA MET A 346 19.64 -3.50 20.33
C MET A 346 20.23 -3.42 21.73
N LYS A 347 20.68 -2.22 22.12
CA LYS A 347 21.36 -2.08 23.40
C LYS A 347 20.37 -1.80 24.52
N SER A 348 20.50 -2.54 25.62
CA SER A 348 19.74 -2.22 26.82
C SER A 348 20.35 -1.00 27.51
N ALA A 349 19.63 -0.50 28.50
CA ALA A 349 20.15 0.59 29.32
C ALA A 349 21.52 0.25 29.90
N GLU A 350 21.71 -1.00 30.33
CA GLU A 350 23.00 -1.46 30.82
C GLU A 350 24.06 -1.49 29.72
N GLY A 351 23.68 -1.28 28.47
CA GLY A 351 24.58 -1.52 27.36
C GLY A 351 24.72 -2.97 26.97
N LYS A 352 23.84 -3.86 27.47
CA LYS A 352 23.89 -5.26 27.10
C LYS A 352 23.14 -5.47 25.78
N PRO A 353 23.68 -6.28 24.88
CA PRO A 353 22.98 -6.57 23.62
C PRO A 353 21.71 -7.39 23.90
N LEU A 354 20.60 -6.96 23.31
CA LEU A 354 19.32 -7.64 23.45
C LEU A 354 18.92 -8.20 22.10
N PHE A 355 18.59 -9.49 22.04
CA PHE A 355 18.21 -10.14 20.79
C PHE A 355 16.87 -9.57 20.31
N ALA A 356 16.89 -8.83 19.20
CA ALA A 356 15.69 -8.10 18.76
C ALA A 356 14.84 -8.85 17.75
N ILE A 357 15.46 -9.45 16.73
CA ILE A 357 14.75 -10.09 15.64
C ILE A 357 15.74 -10.93 14.83
N SER A 358 15.27 -12.06 14.30
CA SER A 358 16.02 -12.79 13.30
C SER A 358 15.21 -12.80 12.00
N TYR A 359 15.90 -13.02 10.89
CA TYR A 359 15.29 -12.87 9.57
C TYR A 359 16.12 -13.65 8.57
N GLU A 360 15.92 -13.38 7.28
CA GLU A 360 16.71 -13.97 6.21
C GLU A 360 17.31 -12.86 5.36
N ASN A 361 18.60 -12.99 5.04
CA ASN A 361 19.23 -12.06 4.10
C ASN A 361 19.73 -12.83 2.88
N PRO A 362 20.34 -12.19 1.87
CA PRO A 362 20.78 -12.98 0.70
C PRO A 362 21.70 -14.13 1.05
N ARG A 363 22.62 -13.94 2.01
CA ARG A 363 23.53 -15.01 2.41
C ARG A 363 22.77 -16.21 2.95
N SER A 364 21.81 -15.98 3.85
CA SER A 364 21.10 -17.10 4.46
C SER A 364 20.16 -17.77 3.46
N VAL A 365 19.56 -17.01 2.55
CA VAL A 365 18.74 -17.59 1.49
C VAL A 365 19.59 -18.50 0.61
N ALA A 366 20.82 -18.06 0.27
CA ALA A 366 21.71 -18.89 -0.51
C ALA A 366 22.07 -20.17 0.24
N LEU A 367 22.25 -20.09 1.55
CA LEU A 367 22.56 -21.30 2.32
C LEU A 367 21.37 -22.26 2.39
N LYS A 368 20.15 -21.73 2.39
CA LYS A 368 18.99 -22.61 2.33
C LYS A 368 18.86 -23.25 0.97
N ALA A 369 19.22 -22.51 -0.09
CA ALA A 369 19.28 -23.14 -1.41
C ALA A 369 20.34 -24.25 -1.43
N ASP A 370 21.50 -24.03 -0.79
CA ASP A 370 22.52 -25.08 -0.73
C ASP A 370 21.99 -26.34 -0.04
N TYR A 371 21.21 -26.15 1.02
CA TYR A 371 20.56 -27.27 1.70
C TYR A 371 19.60 -28.01 0.76
N ILE A 372 18.78 -27.25 0.03
CA ILE A 372 17.84 -27.84 -0.94
C ILE A 372 18.60 -28.73 -1.93
N LYS A 373 19.67 -28.19 -2.49
CA LYS A 373 20.45 -28.94 -3.48
C LYS A 373 21.15 -30.14 -2.85
N SER A 374 21.68 -29.98 -1.64
CA SER A 374 22.41 -31.07 -0.99
C SER A 374 21.46 -32.18 -0.54
N LYS A 375 20.29 -31.82 -0.02
CA LYS A 375 19.34 -32.80 0.49
C LYS A 375 18.44 -33.39 -0.58
N GLY A 376 18.51 -32.89 -1.81
CA GLY A 376 17.67 -33.42 -2.87
C GLY A 376 16.21 -33.00 -2.78
N LEU A 377 15.93 -31.84 -2.20
CA LEU A 377 14.56 -31.36 -2.19
C LEU A 377 14.18 -30.84 -3.57
N GLY A 378 12.87 -30.76 -3.82
CA GLY A 378 12.38 -30.34 -5.12
C GLY A 378 12.55 -28.86 -5.42
N GLY A 379 12.66 -28.02 -4.39
CA GLY A 379 12.81 -26.61 -4.61
C GLY A 379 12.56 -25.82 -3.35
N ALA A 380 12.36 -24.51 -3.54
CA ALA A 380 12.06 -23.57 -2.48
C ALA A 380 10.65 -23.03 -2.63
N MET A 381 10.09 -22.60 -1.52
CA MET A 381 8.87 -21.82 -1.50
C MET A 381 9.17 -20.60 -0.62
N PHE A 382 8.47 -19.49 -0.84
CA PHE A 382 8.68 -18.36 0.05
C PHE A 382 7.40 -17.61 0.37
N TRP A 383 7.33 -17.11 1.61
CA TRP A 383 6.30 -16.18 2.05
C TRP A 383 6.99 -14.88 2.41
N GLU A 384 6.72 -13.78 1.70
CA GLU A 384 5.90 -13.70 0.51
C GLU A 384 6.50 -12.57 -0.34
N TYR A 385 6.14 -12.56 -1.62
CA TYR A 385 6.90 -11.74 -2.58
C TYR A 385 6.75 -10.25 -2.31
N GLY A 386 5.60 -9.81 -1.78
CA GLY A 386 5.38 -8.40 -1.51
C GLY A 386 6.29 -7.83 -0.43
N ALA A 387 6.89 -8.69 0.38
CA ALA A 387 7.78 -8.27 1.46
C ALA A 387 9.25 -8.25 1.08
N ASP A 388 9.59 -8.65 -0.16
CA ASP A 388 10.96 -8.59 -0.63
C ASP A 388 11.40 -7.13 -0.77
N ASP A 389 12.70 -6.93 -0.77
CA ASP A 389 13.30 -5.59 -0.93
C ASP A 389 13.85 -5.50 -2.35
N ASN A 390 13.11 -4.83 -3.23
CA ASN A 390 13.47 -4.72 -4.65
C ASN A 390 13.76 -6.08 -5.26
N ASN A 391 12.95 -7.07 -4.90
CA ASN A 391 13.04 -8.44 -5.45
C ASN A 391 14.38 -9.13 -5.15
N ARG A 392 15.13 -8.67 -4.14
CA ARG A 392 16.51 -9.13 -3.99
C ARG A 392 16.58 -10.56 -3.44
N LEU A 393 15.73 -10.91 -2.47
CA LEU A 393 15.77 -12.28 -1.95
C LEU A 393 15.28 -13.29 -2.98
N ALA A 394 14.22 -12.94 -3.72
CA ALA A 394 13.77 -13.81 -4.81
C ALA A 394 14.85 -13.96 -5.86
N HIS A 395 15.60 -12.89 -6.14
CA HIS A 395 16.66 -12.99 -7.13
C HIS A 395 17.78 -13.89 -6.64
N GLN A 396 18.12 -13.80 -5.35
CA GLN A 396 19.16 -14.67 -4.82
C GLN A 396 18.74 -16.14 -4.94
N LEU A 397 17.49 -16.42 -4.61
CA LEU A 397 16.99 -17.79 -4.73
C LEU A 397 17.05 -18.27 -6.18
N ALA A 398 16.67 -17.41 -7.12
CA ALA A 398 16.71 -17.77 -8.54
C ALA A 398 18.13 -18.07 -8.99
N GLU A 399 19.10 -17.26 -8.55
CA GLU A 399 20.49 -17.49 -8.93
C GLU A 399 21.02 -18.78 -8.32
N SER A 400 20.74 -19.00 -7.03
CA SER A 400 21.28 -20.16 -6.34
C SER A 400 20.68 -21.47 -6.85
N LEU A 401 19.43 -21.43 -7.32
CA LEU A 401 18.74 -22.62 -7.79
C LEU A 401 18.74 -22.75 -9.31
N GLY A 402 19.36 -21.81 -10.02
CA GLY A 402 19.46 -21.94 -11.47
C GLY A 402 18.15 -21.80 -12.20
N ILE A 403 17.23 -20.99 -11.69
CA ILE A 403 15.86 -20.90 -12.18
C ILE A 403 15.74 -20.43 -13.63
N ALA B 6 -37.20 27.56 -7.73
CA ALA B 6 -38.05 26.68 -8.51
C ALA B 6 -37.41 25.31 -8.73
N HIS B 7 -36.08 25.23 -8.54
CA HIS B 7 -35.39 23.95 -8.65
C HIS B 7 -34.05 24.04 -7.94
N ALA B 8 -33.55 22.87 -7.54
CA ALA B 8 -32.26 22.79 -6.84
C ALA B 8 -31.12 22.80 -7.84
N ALA B 9 -29.93 23.15 -7.35
CA ALA B 9 -28.75 23.09 -8.19
C ALA B 9 -28.23 21.66 -8.29
N SER B 10 -27.28 21.45 -9.20
CA SER B 10 -26.61 20.17 -9.37
C SER B 10 -25.12 20.44 -9.29
N TYR B 11 -24.46 19.95 -8.24
CA TYR B 11 -23.06 20.25 -8.01
C TYR B 11 -22.17 19.08 -8.44
N LEU B 12 -20.92 19.41 -8.75
CA LEU B 12 -19.93 18.37 -9.03
C LEU B 12 -19.15 18.04 -7.77
N SER B 13 -18.65 16.80 -7.71
CA SER B 13 -17.63 16.38 -6.74
C SER B 13 -16.58 15.58 -7.51
N VAL B 14 -15.46 16.21 -7.79
CA VAL B 14 -14.42 15.65 -8.65
C VAL B 14 -13.31 15.14 -7.75
N GLY B 15 -13.12 13.83 -7.67
CA GLY B 15 -12.09 13.25 -6.84
C GLY B 15 -10.87 12.84 -7.64
N TYR B 16 -9.73 13.44 -7.33
CA TYR B 16 -8.47 12.89 -7.82
C TYR B 16 -8.15 11.62 -7.06
N PHE B 17 -7.52 10.67 -7.75
CA PHE B 17 -7.02 9.47 -7.11
C PHE B 17 -5.56 9.27 -7.49
N ASN B 18 -4.68 9.23 -6.50
CA ASN B 18 -3.26 8.97 -6.72
C ASN B 18 -3.10 7.46 -6.91
N GLY B 19 -3.15 7.03 -8.16
CA GLY B 19 -2.99 5.63 -8.49
C GLY B 19 -1.58 5.28 -8.91
N GLY B 20 -0.94 6.15 -9.69
CA GLY B 20 0.38 5.84 -10.21
C GLY B 20 1.55 6.31 -9.39
N GLY B 21 1.30 7.11 -8.36
CA GLY B 21 2.34 7.73 -7.56
C GLY B 21 2.45 9.22 -7.84
N ASP B 22 2.88 9.97 -6.83
CA ASP B 22 2.96 11.42 -6.91
C ASP B 22 4.25 11.85 -6.22
N VAL B 23 4.91 12.86 -6.78
CA VAL B 23 6.20 13.30 -6.25
C VAL B 23 6.09 13.70 -4.78
N THR B 24 5.00 14.37 -4.41
CA THR B 24 4.84 14.83 -3.03
C THR B 24 4.05 13.85 -2.18
N ALA B 25 3.01 13.23 -2.74
CA ALA B 25 2.12 12.39 -1.94
C ALA B 25 2.58 10.94 -1.85
N GLY B 26 3.58 10.53 -2.61
CA GLY B 26 4.15 9.22 -2.48
C GLY B 26 3.49 8.17 -3.36
N PRO B 27 3.76 6.90 -3.06
CA PRO B 27 3.30 5.81 -3.93
C PRO B 27 1.78 5.78 -4.05
N GLY B 28 1.31 5.29 -5.19
CA GLY B 28 -0.11 5.19 -5.46
C GLY B 28 -0.81 4.18 -4.57
N GLY B 29 -2.14 4.27 -4.56
CA GLY B 29 -2.97 3.49 -3.66
C GLY B 29 -3.72 2.37 -4.37
N ASP B 30 -4.67 1.79 -3.63
CA ASP B 30 -5.49 0.67 -4.08
C ASP B 30 -6.85 1.22 -4.55
N ILE B 31 -7.12 1.08 -5.86
CA ILE B 31 -8.34 1.62 -6.44
C ILE B 31 -9.59 0.85 -6.01
N ASN B 32 -9.42 -0.39 -5.53
CA ASN B 32 -10.59 -1.16 -5.11
C ASN B 32 -11.23 -0.61 -3.84
N LYS B 33 -10.52 0.22 -3.07
CA LYS B 33 -11.06 0.78 -1.83
C LYS B 33 -11.98 1.97 -2.04
N LEU B 34 -11.96 2.59 -3.22
CA LEU B 34 -12.74 3.80 -3.44
C LEU B 34 -14.23 3.47 -3.55
N ASP B 35 -15.06 4.36 -2.98
CA ASP B 35 -16.51 4.29 -3.14
C ASP B 35 -16.91 5.30 -4.21
N VAL B 36 -17.07 4.82 -5.44
CA VAL B 36 -17.33 5.75 -6.55
C VAL B 36 -18.77 6.26 -6.59
N THR B 37 -19.64 5.83 -5.67
CA THR B 37 -20.98 6.41 -5.63
C THR B 37 -21.00 7.79 -4.98
N GLN B 38 -19.91 8.19 -4.33
CA GLN B 38 -19.85 9.46 -3.62
C GLN B 38 -19.38 10.61 -4.51
N ILE B 39 -18.95 10.34 -5.74
CA ILE B 39 -18.39 11.36 -6.60
C ILE B 39 -19.10 11.38 -7.94
N THR B 40 -18.97 12.50 -8.64
CA THR B 40 -19.48 12.62 -10.00
C THR B 40 -18.40 12.39 -11.04
N HIS B 41 -17.14 12.72 -10.72
CA HIS B 41 -16.02 12.56 -11.62
C HIS B 41 -14.82 12.01 -10.86
N LEU B 42 -14.07 11.13 -11.53
CA LEU B 42 -12.81 10.59 -11.03
C LEU B 42 -11.67 11.01 -11.94
N ASN B 43 -10.66 11.68 -11.37
CA ASN B 43 -9.45 12.04 -12.11
C ASN B 43 -8.38 11.02 -11.71
N TYR B 44 -8.18 10.01 -12.55
CA TYR B 44 -7.13 9.04 -12.27
C TYR B 44 -5.77 9.70 -12.55
N SER B 45 -4.88 9.63 -11.57
CA SER B 45 -3.60 10.35 -11.65
C SER B 45 -2.41 9.39 -11.51
N PHE B 46 -1.37 9.48 -12.35
CA PHE B 46 -1.20 10.46 -13.43
C PHE B 46 -0.68 9.77 -14.68
N GLY B 47 -1.05 10.30 -15.84
CA GLY B 47 -0.20 10.12 -17.00
C GLY B 47 0.94 11.12 -16.96
N LEU B 48 2.10 10.70 -17.48
CA LEU B 48 3.26 11.58 -17.60
C LEU B 48 3.51 11.87 -19.07
N ILE B 49 4.54 12.66 -19.35
CA ILE B 49 4.82 13.13 -20.71
C ILE B 49 6.27 12.78 -21.06
N TYR B 50 6.46 12.01 -22.13
CA TYR B 50 7.80 11.79 -22.66
C TYR B 50 8.38 13.13 -23.06
N ASN B 51 9.60 13.41 -22.60
CA ASN B 51 10.15 14.75 -22.71
C ASN B 51 11.66 14.72 -22.91
N ASP B 52 12.19 15.83 -23.41
CA ASP B 52 13.62 15.97 -23.63
C ASP B 52 14.28 16.96 -22.67
N GLU B 53 13.69 17.20 -21.51
CA GLU B 53 14.32 18.06 -20.51
C GLU B 53 15.55 17.38 -19.95
N LYS B 54 16.70 18.07 -20.01
CA LYS B 54 17.98 17.45 -19.61
C LYS B 54 18.01 17.05 -18.15
N GLN B 55 17.17 17.62 -17.30
CA GLN B 55 17.16 17.29 -15.89
C GLN B 55 16.20 16.15 -15.53
N GLU B 56 15.56 15.53 -16.51
CA GLU B 56 14.62 14.45 -16.23
C GLU B 56 15.38 13.25 -15.68
N THR B 57 14.92 12.74 -14.53
CA THR B 57 15.57 11.61 -13.87
C THR B 57 14.83 10.29 -14.05
N ASN B 58 13.65 10.30 -14.67
CA ASN B 58 12.94 9.06 -15.00
C ASN B 58 13.36 8.66 -16.43
N PRO B 59 14.20 7.64 -16.58
CA PRO B 59 14.76 7.35 -17.91
C PRO B 59 13.75 6.80 -18.88
N ALA B 60 12.61 6.30 -18.40
CA ALA B 60 11.56 5.85 -19.30
C ALA B 60 10.99 7.02 -20.10
N LEU B 61 10.93 8.22 -19.50
CA LEU B 61 10.39 9.36 -20.21
C LEU B 61 11.36 9.93 -21.24
N LYS B 62 12.60 9.45 -21.24
CA LYS B 62 13.64 9.98 -22.11
C LYS B 62 13.75 9.26 -23.44
N ASP B 63 12.82 8.34 -23.73
CA ASP B 63 12.75 7.61 -25.01
C ASP B 63 12.51 8.62 -26.13
N PRO B 64 13.49 8.86 -27.00
CA PRO B 64 13.30 9.90 -28.02
C PRO B 64 12.25 9.56 -29.07
N SER B 65 11.91 8.28 -29.27
CA SER B 65 10.91 7.92 -30.27
C SER B 65 9.49 8.21 -29.83
N ARG B 66 9.29 8.60 -28.57
CA ARG B 66 7.96 8.85 -28.04
C ARG B 66 7.78 10.28 -27.54
N LEU B 67 8.73 11.17 -27.84
CA LEU B 67 8.72 12.54 -27.37
C LEU B 67 7.35 13.20 -27.60
N HIS B 68 6.82 13.83 -26.53
CA HIS B 68 5.58 14.59 -26.48
C HIS B 68 4.33 13.73 -26.31
N GLN B 69 4.45 12.40 -26.30
CA GLN B 69 3.30 11.53 -26.10
C GLN B 69 3.11 11.29 -24.59
N ILE B 70 2.00 10.63 -24.24
CA ILE B 70 1.67 10.32 -22.86
C ILE B 70 2.28 8.98 -22.46
N TYR B 71 2.90 8.95 -21.28
CA TYR B 71 3.47 7.73 -20.70
C TYR B 71 2.55 7.21 -19.61
N LEU B 72 2.21 5.92 -19.69
CA LEU B 72 1.41 5.23 -18.69
C LEU B 72 2.24 4.10 -18.12
N SER B 73 2.43 4.11 -16.80
CA SER B 73 3.22 3.06 -16.15
C SER B 73 2.41 1.76 -16.10
N PRO B 74 3.07 0.63 -15.81
CA PRO B 74 2.31 -0.62 -15.68
C PRO B 74 1.14 -0.56 -14.70
N LYS B 75 1.33 0.03 -13.50
CA LYS B 75 0.22 0.13 -12.56
C LYS B 75 -0.89 1.02 -13.10
N VAL B 76 -0.53 2.12 -13.75
CA VAL B 76 -1.55 2.98 -14.35
C VAL B 76 -2.37 2.21 -15.39
N MET B 77 -1.69 1.46 -16.26
CA MET B 77 -2.42 0.67 -17.26
C MET B 77 -3.33 -0.35 -16.61
N ALA B 78 -2.83 -1.04 -15.58
CA ALA B 78 -3.63 -2.05 -14.89
C ALA B 78 -4.85 -1.43 -14.23
N ASP B 79 -4.69 -0.28 -13.56
CA ASP B 79 -5.83 0.38 -12.93
C ASP B 79 -6.83 0.87 -13.98
N LEU B 80 -6.34 1.47 -15.07
CA LEU B 80 -7.27 1.94 -16.10
C LEU B 80 -8.10 0.81 -16.68
N GLN B 81 -7.54 -0.41 -16.75
CA GLN B 81 -8.31 -1.54 -17.24
C GLN B 81 -9.34 -2.03 -16.24
N LEU B 82 -9.21 -1.66 -14.97
CA LEU B 82 -10.23 -1.97 -13.97
C LEU B 82 -11.42 -1.03 -14.00
N LEU B 83 -11.36 0.06 -14.78
CA LEU B 83 -12.46 1.03 -14.79
C LEU B 83 -13.85 0.45 -15.04
N PRO B 84 -14.05 -0.52 -15.94
CA PRO B 84 -15.40 -1.10 -16.09
C PRO B 84 -15.99 -1.62 -14.79
N VAL B 85 -15.15 -2.15 -13.89
CA VAL B 85 -15.62 -2.59 -12.57
C VAL B 85 -16.18 -1.41 -11.78
N LEU B 86 -15.43 -0.31 -11.73
CA LEU B 86 -15.91 0.88 -11.04
C LEU B 86 -17.18 1.41 -11.66
N ARG B 87 -17.29 1.36 -12.99
CA ARG B 87 -18.47 1.91 -13.65
C ARG B 87 -19.74 1.12 -13.31
N LYS B 88 -19.61 -0.16 -12.98
CA LYS B 88 -20.79 -0.90 -12.57
C LYS B 88 -21.35 -0.40 -11.25
N GLN B 89 -20.47 0.05 -10.35
CA GLN B 89 -20.94 0.62 -9.08
C GLN B 89 -21.64 1.95 -9.28
N ASN B 90 -21.16 2.78 -10.19
CA ASN B 90 -21.78 4.07 -10.49
C ASN B 90 -21.77 4.28 -11.99
N PRO B 91 -22.87 3.92 -12.67
CA PRO B 91 -22.90 4.05 -14.14
C PRO B 91 -22.89 5.48 -14.63
N GLU B 92 -23.15 6.46 -13.77
CA GLU B 92 -23.11 7.86 -14.16
C GLU B 92 -21.72 8.46 -14.01
N LEU B 93 -20.78 7.72 -13.41
CA LEU B 93 -19.46 8.27 -13.15
C LEU B 93 -18.74 8.63 -14.46
N LYS B 94 -18.11 9.80 -14.46
CA LYS B 94 -17.23 10.21 -15.54
C LYS B 94 -15.79 9.99 -15.06
N VAL B 95 -14.96 9.36 -15.90
CA VAL B 95 -13.57 9.11 -15.54
C VAL B 95 -12.64 9.82 -16.52
N LEU B 96 -11.74 10.62 -15.99
CA LEU B 96 -10.74 11.33 -16.78
C LEU B 96 -9.36 10.84 -16.38
N LEU B 97 -8.42 10.90 -17.32
CA LEU B 97 -7.03 10.74 -16.95
C LEU B 97 -6.46 12.11 -16.69
N SER B 98 -5.78 12.29 -15.56
CA SER B 98 -5.04 13.51 -15.32
CA SER B 98 -5.03 13.51 -15.30
C SER B 98 -3.60 13.31 -15.77
N VAL B 99 -3.12 14.23 -16.61
CA VAL B 99 -1.75 14.25 -17.10
C VAL B 99 -1.03 15.39 -16.41
N GLY B 100 0.10 15.07 -15.77
CA GLY B 100 0.84 16.09 -15.06
C GLY B 100 1.11 15.76 -13.60
N GLY B 101 0.87 16.74 -12.74
CA GLY B 101 1.16 16.67 -11.32
C GLY B 101 2.43 17.44 -10.97
N TRP B 102 2.62 17.61 -9.67
CA TRP B 102 3.80 18.31 -9.17
C TRP B 102 5.06 17.58 -9.66
N GLY B 103 6.00 18.35 -10.21
CA GLY B 103 7.26 17.81 -10.67
C GLY B 103 7.23 17.16 -12.04
N ALA B 104 6.08 17.08 -12.70
CA ALA B 104 5.98 16.36 -13.96
C ALA B 104 6.43 17.26 -15.10
N ARG B 105 7.42 16.79 -15.86
CA ARG B 105 8.02 17.56 -16.93
C ARG B 105 7.25 17.35 -18.24
N GLY B 106 7.62 18.13 -19.24
CA GLY B 106 7.20 17.86 -20.59
C GLY B 106 6.15 18.81 -21.15
N PHE B 107 5.41 19.53 -20.31
CA PHE B 107 4.37 20.41 -20.85
C PHE B 107 4.96 21.55 -21.67
N SER B 108 6.04 22.17 -21.19
CA SER B 108 6.55 23.35 -21.89
C SER B 108 6.96 23.00 -23.31
N GLY B 109 7.65 21.87 -23.48
CA GLY B 109 8.02 21.43 -24.81
C GLY B 109 6.85 20.89 -25.61
N ALA B 110 5.92 20.19 -24.96
CA ALA B 110 4.78 19.66 -25.69
C ALA B 110 3.91 20.78 -26.25
N ALA B 111 3.79 21.91 -25.56
CA ALA B 111 2.94 23.00 -26.00
C ALA B 111 3.62 23.96 -26.99
N ALA B 112 4.92 23.78 -27.27
CA ALA B 112 5.74 24.85 -27.85
C ALA B 112 5.51 25.05 -29.34
N THR B 113 5.22 24.00 -30.10
CA THR B 113 5.12 24.12 -31.55
C THR B 113 3.86 23.43 -32.05
N ALA B 114 3.46 23.80 -33.27
CA ALA B 114 2.33 23.13 -33.90
C ALA B 114 2.60 21.64 -34.01
N GLU B 115 3.83 21.26 -34.34
CA GLU B 115 4.17 19.83 -34.46
C GLU B 115 4.03 19.12 -33.12
N SER B 116 4.59 19.71 -32.05
CA SER B 116 4.59 19.05 -30.75
C SER B 116 3.19 18.95 -30.18
N ARG B 117 2.38 20.00 -30.35
CA ARG B 117 1.00 19.98 -29.84
C ARG B 117 0.19 18.90 -30.55
N ALA B 118 0.40 18.74 -31.86
CA ALA B 118 -0.33 17.70 -32.58
C ALA B 118 0.03 16.30 -32.08
N VAL B 119 1.30 16.06 -31.77
CA VAL B 119 1.70 14.76 -31.25
C VAL B 119 1.02 14.52 -29.90
N PHE B 120 1.08 15.51 -29.01
CA PHE B 120 0.47 15.38 -27.69
C PHE B 120 -1.03 15.12 -27.79
N ILE B 121 -1.71 15.90 -28.64
CA ILE B 121 -3.16 15.75 -28.81
C ILE B 121 -3.51 14.37 -29.35
N ARG B 122 -2.76 13.90 -30.35
CA ARG B 122 -2.99 12.55 -30.88
C ARG B 122 -2.84 11.50 -29.79
N SER B 123 -1.88 11.69 -28.89
CA SER B 123 -1.66 10.72 -27.81
C SER B 123 -2.82 10.76 -26.81
N VAL B 124 -3.31 11.96 -26.48
CA VAL B 124 -4.49 12.10 -25.63
C VAL B 124 -5.66 11.31 -26.22
N GLN B 125 -5.91 11.49 -27.53
CA GLN B 125 -7.03 10.79 -28.14
C GLN B 125 -6.85 9.28 -28.11
N GLN B 126 -5.62 8.82 -28.36
CA GLN B 126 -5.34 7.38 -28.32
C GLN B 126 -5.66 6.80 -26.94
N VAL B 127 -5.17 7.45 -25.87
CA VAL B 127 -5.40 6.96 -24.51
C VAL B 127 -6.89 6.97 -24.17
N ILE B 128 -7.59 8.07 -24.49
CA ILE B 128 -9.03 8.14 -24.27
C ILE B 128 -9.74 6.98 -24.96
N LYS B 129 -9.34 6.68 -26.20
CA LYS B 129 -10.00 5.59 -26.92
C LYS B 129 -9.61 4.22 -26.38
N GLN B 130 -8.31 4.00 -26.11
CA GLN B 130 -7.86 2.68 -25.67
C GLN B 130 -8.48 2.27 -24.34
N TYR B 131 -8.66 3.23 -23.43
CA TYR B 131 -9.13 2.94 -22.08
C TYR B 131 -10.57 3.40 -21.82
N HIS B 132 -11.26 3.87 -22.86
CA HIS B 132 -12.69 4.23 -22.76
C HIS B 132 -12.92 5.30 -21.70
N LEU B 133 -12.07 6.32 -21.73
CA LEU B 133 -12.18 7.41 -20.78
C LEU B 133 -13.21 8.43 -21.26
N ASP B 134 -13.65 9.27 -20.32
CA ASP B 134 -14.60 10.33 -20.62
C ASP B 134 -13.94 11.67 -20.87
N GLY B 135 -12.63 11.78 -20.66
CA GLY B 135 -11.97 13.03 -20.96
C GLY B 135 -10.56 13.06 -20.39
N ILE B 136 -10.01 14.26 -20.40
CA ILE B 136 -8.63 14.50 -20.01
C ILE B 136 -8.57 15.73 -19.12
N ASP B 137 -7.78 15.65 -18.06
CA ASP B 137 -7.48 16.75 -17.16
C ASP B 137 -5.99 17.05 -17.26
N LEU B 138 -5.64 18.30 -17.50
CA LEU B 138 -4.23 18.69 -17.63
C LEU B 138 -3.85 19.43 -16.35
N ASP B 139 -2.81 18.92 -15.66
CA ASP B 139 -2.37 19.41 -14.37
C ASP B 139 -0.91 19.86 -14.53
N TRP B 140 -0.74 21.04 -15.10
CA TRP B 140 0.59 21.58 -15.43
C TRP B 140 1.00 22.51 -14.30
N GLN B 141 2.04 22.12 -13.57
CA GLN B 141 2.48 22.92 -12.43
C GLN B 141 3.91 23.43 -12.64
N TYR B 142 4.09 24.62 -13.20
CA TYR B 142 3.02 25.47 -13.75
C TYR B 142 3.60 26.14 -15.00
N PRO B 143 2.74 26.54 -15.93
CA PRO B 143 3.25 27.34 -17.06
C PRO B 143 3.94 28.59 -16.57
N VAL B 144 4.96 29.00 -17.33
CA VAL B 144 5.75 30.23 -17.10
C VAL B 144 6.68 30.08 -15.89
N ASN B 145 6.11 29.74 -14.74
CA ASN B 145 6.86 29.67 -13.49
C ASN B 145 7.66 28.37 -13.34
N GLY B 146 7.17 27.27 -13.93
CA GLY B 146 7.89 26.00 -13.84
C GLY B 146 8.03 25.44 -12.43
N ALA B 147 7.12 25.81 -11.53
CA ALA B 147 7.25 25.45 -10.11
C ALA B 147 8.61 25.88 -9.59
N TRP B 148 8.97 27.12 -9.91
CA TRP B 148 10.19 27.74 -9.40
C TRP B 148 11.44 26.97 -9.84
N GLY B 149 11.41 26.48 -11.08
CA GLY B 149 12.53 25.76 -11.66
C GLY B 149 12.50 24.26 -11.52
N LEU B 150 11.43 23.69 -10.95
CA LEU B 150 11.35 22.23 -10.82
C LEU B 150 11.13 21.55 -12.16
N VAL B 151 10.43 22.22 -13.09
CA VAL B 151 10.28 21.76 -14.46
C VAL B 151 10.66 22.90 -15.39
N GLU B 152 10.99 22.56 -16.64
CA GLU B 152 11.32 23.60 -17.62
C GLU B 152 10.11 24.48 -17.90
N SER B 153 10.37 25.74 -18.20
CA SER B 153 9.30 26.71 -18.43
C SER B 153 9.83 27.85 -19.29
N GLN B 154 8.91 28.70 -19.74
CA GLN B 154 9.27 29.93 -20.45
C GLN B 154 8.06 30.84 -20.51
N PRO B 155 8.25 32.15 -20.61
CA PRO B 155 7.07 33.04 -20.69
C PRO B 155 6.12 32.72 -21.84
N ALA B 156 6.61 32.10 -22.94
CA ALA B 156 5.71 31.72 -24.02
C ALA B 156 4.72 30.65 -23.59
N ASP B 157 4.93 29.98 -22.45
CA ASP B 157 4.00 28.96 -21.97
C ASP B 157 2.57 29.48 -21.87
N ARG B 158 2.39 30.72 -21.43
CA ARG B 158 1.03 31.22 -21.23
CA ARG B 158 1.04 31.23 -21.23
C ARG B 158 0.24 31.18 -22.52
N ALA B 159 0.77 31.77 -23.59
CA ALA B 159 0.07 31.75 -24.86
C ALA B 159 0.04 30.34 -25.46
N ASN B 160 1.12 29.56 -25.26
CA ASN B 160 1.16 28.22 -25.82
C ASN B 160 0.14 27.31 -25.15
N PHE B 161 -0.08 27.49 -23.85
CA PHE B 161 -1.11 26.71 -23.15
C PHE B 161 -2.47 26.99 -23.75
N THR B 162 -2.77 28.27 -23.99
CA THR B 162 -4.02 28.64 -24.65
C THR B 162 -4.18 27.97 -26.01
N LEU B 163 -3.12 27.96 -26.82
CA LEU B 163 -3.19 27.27 -28.12
C LEU B 163 -3.39 25.77 -27.95
N LEU B 164 -2.69 25.15 -26.99
CA LEU B 164 -2.88 23.72 -26.78
C LEU B 164 -4.31 23.40 -26.38
N LEU B 165 -4.91 24.21 -25.50
CA LEU B 165 -6.28 23.95 -25.08
C LEU B 165 -7.27 24.22 -26.20
N ALA B 166 -7.02 25.25 -27.02
CA ALA B 166 -7.89 25.52 -28.17
C ALA B 166 -7.87 24.34 -29.13
N GLU B 167 -6.68 23.86 -29.47
CA GLU B 167 -6.55 22.76 -30.43
C GLU B 167 -7.05 21.44 -29.87
N LEU B 168 -6.89 21.21 -28.56
CA LEU B 168 -7.44 20.01 -27.95
C LEU B 168 -8.95 20.03 -27.99
N HIS B 169 -9.55 21.16 -27.63
CA HIS B 169 -11.01 21.33 -27.73
C HIS B 169 -11.50 21.05 -29.13
N LYS B 170 -10.77 21.49 -30.15
CA LYS B 170 -11.17 21.25 -31.53
C LYS B 170 -11.07 19.77 -31.89
N ALA B 171 -10.06 19.08 -31.37
CA ALA B 171 -9.81 17.69 -31.77
C ALA B 171 -10.69 16.69 -31.04
N LEU B 172 -11.05 16.98 -29.79
CA LEU B 172 -11.76 16.00 -28.97
C LEU B 172 -13.16 15.75 -29.51
N ASP B 173 -13.59 14.49 -29.46
CA ASP B 173 -14.96 14.14 -29.78
C ASP B 173 -15.90 14.98 -28.93
N LYS B 174 -17.02 15.40 -29.53
CA LYS B 174 -18.05 16.08 -28.77
C LYS B 174 -18.49 15.20 -27.61
N GLY B 175 -18.69 15.82 -26.45
CA GLY B 175 -19.05 15.10 -25.26
C GLY B 175 -17.88 14.69 -24.39
N LYS B 176 -16.68 14.58 -24.95
CA LYS B 176 -15.51 14.33 -24.12
C LYS B 176 -15.17 15.58 -23.32
N LEU B 177 -14.67 15.38 -22.11
CA LEU B 177 -14.39 16.49 -21.20
C LEU B 177 -12.95 16.94 -21.30
N LEU B 178 -12.74 18.25 -21.18
CA LEU B 178 -11.41 18.85 -21.07
C LEU B 178 -11.41 19.75 -19.84
N THR B 179 -10.54 19.43 -18.88
CA THR B 179 -10.45 20.20 -17.65
C THR B 179 -8.99 20.46 -17.34
N ILE B 180 -8.76 21.42 -16.44
CA ILE B 180 -7.42 21.71 -15.96
C ILE B 180 -7.46 21.97 -14.46
N ALA B 181 -6.29 21.83 -13.84
CA ALA B 181 -6.03 22.28 -12.47
C ALA B 181 -5.16 23.54 -12.50
N VAL B 182 -5.47 24.49 -11.61
CA VAL B 182 -4.73 25.75 -11.52
C VAL B 182 -4.30 26.02 -10.08
N GLY B 183 -3.19 26.74 -9.94
CA GLY B 183 -2.58 26.90 -8.64
C GLY B 183 -3.19 28.02 -7.80
N ALA B 184 -2.91 27.95 -6.49
CA ALA B 184 -3.40 28.97 -5.57
C ALA B 184 -2.65 30.29 -5.70
N ASN B 185 -1.39 30.27 -6.15
CA ASN B 185 -0.57 31.48 -6.14
C ASN B 185 -1.24 32.62 -6.90
N VAL B 186 -1.14 33.84 -6.35
CA VAL B 186 -1.77 35.00 -6.99
C VAL B 186 -1.20 35.22 -8.38
N LYS B 187 0.03 34.80 -8.63
CA LYS B 187 0.64 35.02 -9.93
C LYS B 187 0.07 34.09 -10.99
N SER B 188 -0.70 33.07 -10.62
CA SER B 188 -1.23 32.16 -11.63
C SER B 188 -2.15 32.86 -12.62
N PRO B 189 -3.24 33.52 -12.19
CA PRO B 189 -4.06 34.26 -13.18
C PRO B 189 -3.42 35.56 -13.64
N GLN B 190 -2.52 36.15 -12.87
CA GLN B 190 -1.88 37.39 -13.30
C GLN B 190 -0.85 37.16 -14.39
N GLU B 191 -0.08 36.06 -14.29
CA GLU B 191 1.12 35.90 -15.11
C GLU B 191 1.21 34.56 -15.84
N TRP B 192 0.68 33.49 -15.24
CA TRP B 192 1.00 32.15 -15.77
C TRP B 192 -0.04 31.62 -16.73
N VAL B 193 -1.32 31.90 -16.49
CA VAL B 193 -2.42 31.27 -17.18
C VAL B 193 -3.41 32.36 -17.58
N ASP B 194 -3.82 32.36 -18.85
CA ASP B 194 -4.77 33.35 -19.38
C ASP B 194 -6.17 32.80 -19.16
N VAL B 195 -6.66 32.97 -17.93
CA VAL B 195 -7.90 32.28 -17.55
C VAL B 195 -9.07 32.73 -18.43
N LYS B 196 -9.14 34.03 -18.75
CA LYS B 196 -10.24 34.50 -19.58
C LYS B 196 -10.19 33.90 -20.98
N GLY B 197 -8.97 33.71 -21.52
CA GLY B 197 -8.84 33.20 -22.87
C GLY B 197 -9.07 31.72 -23.01
N ILE B 198 -8.88 30.95 -21.94
CA ILE B 198 -9.04 29.51 -22.05
C ILE B 198 -10.40 29.03 -21.57
N ALA B 199 -11.14 29.87 -20.83
CA ALA B 199 -12.45 29.48 -20.32
C ALA B 199 -13.39 28.88 -21.36
N PRO B 200 -13.48 29.39 -22.59
CA PRO B 200 -14.40 28.78 -23.57
C PRO B 200 -14.06 27.34 -23.94
N TYR B 201 -12.84 26.88 -23.67
CA TYR B 201 -12.41 25.54 -24.09
C TYR B 201 -12.60 24.49 -23.01
N LEU B 202 -12.96 24.88 -21.79
CA LEU B 202 -12.90 23.99 -20.64
C LEU B 202 -14.28 23.71 -20.09
N ASP B 203 -14.55 22.45 -19.78
CA ASP B 203 -15.80 22.13 -19.10
C ASP B 203 -15.84 22.68 -17.69
N TYR B 204 -14.72 22.60 -16.96
CA TYR B 204 -14.62 23.22 -15.65
C TYR B 204 -13.15 23.33 -15.28
N ILE B 205 -12.90 24.05 -14.19
CA ILE B 205 -11.54 24.39 -13.74
C ILE B 205 -11.42 23.99 -12.27
N ASN B 206 -10.42 23.18 -11.97
CA ASN B 206 -10.18 22.70 -10.60
C ASN B 206 -9.19 23.63 -9.91
N LEU B 207 -9.63 24.35 -8.87
CA LEU B 207 -8.74 25.26 -8.14
C LEU B 207 -8.01 24.49 -7.04
N MET B 208 -6.68 24.57 -7.02
CA MET B 208 -5.89 23.84 -6.02
C MET B 208 -5.74 24.70 -4.75
N THR B 209 -6.87 24.84 -4.05
CA THR B 209 -7.00 25.74 -2.88
C THR B 209 -6.50 25.04 -1.62
N TYR B 210 -5.22 24.70 -1.65
CA TYR B 210 -4.54 24.03 -0.55
C TYR B 210 -3.04 24.25 -0.73
N ASP B 211 -2.23 23.54 0.07
CA ASP B 211 -0.78 23.73 0.08
C ASP B 211 -0.37 25.16 0.45
N MET B 212 -0.99 25.68 1.50
CA MET B 212 -0.72 27.02 1.96
C MET B 212 0.15 27.07 3.20
N ALA B 213 0.54 25.92 3.76
CA ALA B 213 1.31 25.89 5.02
C ALA B 213 2.80 26.02 4.75
N TYR B 214 3.17 27.12 4.10
CA TYR B 214 4.53 27.43 3.72
C TYR B 214 4.89 28.81 4.27
N GLY B 215 6.18 29.12 4.27
CA GLY B 215 6.63 30.42 4.75
C GLY B 215 6.21 30.65 6.19
N THR B 216 5.54 31.79 6.44
CA THR B 216 5.10 32.16 7.78
C THR B 216 3.65 31.79 8.06
N GLN B 217 3.00 31.01 7.19
CA GLN B 217 1.61 30.64 7.40
C GLN B 217 1.49 29.28 8.10
N TYR B 218 0.59 29.21 9.10
CA TYR B 218 0.39 27.96 9.82
C TYR B 218 -0.52 27.00 9.06
N PHE B 219 -1.61 27.52 8.46
CA PHE B 219 -2.68 26.69 7.93
C PHE B 219 -2.46 26.25 6.49
N ASN B 220 -2.85 25.01 6.20
CA ASN B 220 -2.64 24.47 4.86
C ASN B 220 -3.82 24.68 3.91
N SER B 221 -5.05 24.74 4.44
CA SER B 221 -6.22 24.82 3.57
C SER B 221 -7.35 25.58 4.27
N ASN B 222 -6.99 26.61 5.03
CA ASN B 222 -7.98 27.44 5.70
C ASN B 222 -8.90 28.10 4.68
N LEU B 223 -10.19 28.20 5.04
CA LEU B 223 -11.14 28.88 4.17
C LEU B 223 -10.97 30.39 4.23
N TYR B 224 -10.76 30.92 5.44
CA TYR B 224 -10.50 32.32 5.71
C TYR B 224 -9.24 32.41 6.57
N ASP B 225 -8.74 33.63 6.74
CA ASP B 225 -7.49 33.82 7.50
C ASP B 225 -7.72 33.56 8.98
N SER B 226 -6.76 32.90 9.61
CA SER B 226 -6.79 32.72 11.05
C SER B 226 -6.44 34.03 11.75
N LYS B 227 -7.13 34.30 12.84
CA LYS B 227 -6.78 35.42 13.72
C LYS B 227 -5.91 34.96 14.89
N GLN B 228 -6.17 33.76 15.43
CA GLN B 228 -5.38 33.28 16.56
C GLN B 228 -3.98 32.87 16.14
N TRP B 229 -3.82 32.36 14.91
CA TRP B 229 -2.54 31.90 14.40
C TRP B 229 -2.25 32.62 13.10
N PRO B 230 -1.94 33.91 13.16
CA PRO B 230 -1.91 34.72 11.94
C PRO B 230 -0.63 34.55 11.15
N THR B 231 -0.77 34.59 9.83
CA THR B 231 0.38 34.63 8.95
C THR B 231 1.04 36.00 9.06
N VAL B 232 2.36 36.03 8.97
CA VAL B 232 3.14 37.25 9.22
C VAL B 232 3.46 38.00 7.93
N ALA B 233 4.09 37.33 6.96
CA ALA B 233 4.47 38.00 5.72
C ALA B 233 3.30 38.09 4.75
N ALA B 234 3.13 39.26 4.13
CA ALA B 234 1.99 39.50 3.25
C ALA B 234 1.97 38.52 2.07
N ALA B 235 3.13 38.22 1.50
CA ALA B 235 3.16 37.32 0.35
C ALA B 235 2.81 35.88 0.70
N ASP B 236 2.79 35.51 1.98
CA ASP B 236 2.43 34.16 2.41
C ASP B 236 0.96 34.05 2.82
N ARG B 237 0.23 35.16 2.85
CA ARG B 237 -1.10 35.18 3.46
C ARG B 237 -2.11 34.67 2.43
N TYR B 238 -2.56 33.42 2.60
CA TYR B 238 -3.47 32.77 1.67
C TYR B 238 -4.63 32.14 2.43
N SER B 239 -5.74 32.01 1.71
CA SER B 239 -6.91 31.27 2.17
C SER B 239 -7.65 30.80 0.92
N ALA B 240 -8.53 29.81 1.09
CA ALA B 240 -9.27 29.34 -0.08
C ALA B 240 -10.16 30.45 -0.63
N ASN B 241 -10.75 31.25 0.25
CA ASN B 241 -11.60 32.36 -0.22
C ASN B 241 -10.79 33.38 -1.00
N PHE B 242 -9.59 33.76 -0.51
CA PHE B 242 -8.74 34.71 -1.21
C PHE B 242 -8.37 34.21 -2.61
N VAL B 243 -8.09 32.93 -2.73
CA VAL B 243 -7.78 32.36 -4.05
C VAL B 243 -8.97 32.47 -4.98
N VAL B 244 -10.16 32.06 -4.49
CA VAL B 244 -11.36 32.15 -5.31
C VAL B 244 -11.57 33.58 -5.79
N ASP B 245 -11.46 34.54 -4.87
CA ASP B 245 -11.69 35.93 -5.24
C ASP B 245 -10.67 36.42 -6.26
N ASN B 246 -9.43 35.92 -6.20
CA ASN B 246 -8.43 36.29 -7.19
C ASN B 246 -8.81 35.76 -8.57
N TYR B 247 -9.33 34.53 -8.63
CA TYR B 247 -9.74 34.00 -9.93
C TYR B 247 -10.98 34.69 -10.45
N LEU B 248 -11.92 35.04 -9.57
CA LEU B 248 -13.11 35.78 -10.00
C LEU B 248 -12.72 37.17 -10.52
N ALA B 249 -11.78 37.84 -9.86
CA ALA B 249 -11.34 39.16 -10.30
C ALA B 249 -10.67 39.09 -11.67
N ALA B 250 -10.10 37.93 -12.02
CA ALA B 250 -9.46 37.74 -13.31
C ALA B 250 -10.45 37.49 -14.44
N GLY B 251 -11.72 37.27 -14.13
CA GLY B 251 -12.74 37.13 -15.16
C GLY B 251 -13.43 35.78 -15.22
N LEU B 252 -13.12 34.82 -14.36
CA LEU B 252 -13.81 33.54 -14.41
C LEU B 252 -15.16 33.64 -13.72
N LYS B 253 -16.17 32.95 -14.27
CA LYS B 253 -17.47 32.90 -13.62
C LYS B 253 -17.46 31.81 -12.55
N PRO B 254 -18.14 32.04 -11.42
CA PRO B 254 -18.13 31.04 -10.34
C PRO B 254 -18.61 29.66 -10.76
N ALA B 255 -19.59 29.57 -11.66
CA ALA B 255 -20.15 28.28 -12.02
C ALA B 255 -19.13 27.36 -12.69
N GLN B 256 -18.07 27.91 -13.28
CA GLN B 256 -17.09 27.08 -13.95
C GLN B 256 -16.05 26.51 -12.99
N LEU B 257 -16.03 26.93 -11.73
CA LEU B 257 -14.94 26.62 -10.82
C LEU B 257 -15.34 25.51 -9.84
N ASN B 258 -14.39 24.61 -9.55
CA ASN B 258 -14.51 23.65 -8.47
C ASN B 258 -13.53 24.05 -7.38
N LEU B 259 -14.02 24.09 -6.14
CA LEU B 259 -13.19 24.43 -5.00
C LEU B 259 -12.43 23.19 -4.57
N GLY B 260 -11.10 23.25 -4.58
CA GLY B 260 -10.31 22.08 -4.20
C GLY B 260 -10.24 21.92 -2.69
N ILE B 261 -10.38 20.68 -2.24
CA ILE B 261 -10.35 20.32 -0.82
C ILE B 261 -9.27 19.27 -0.63
N GLY B 262 -8.42 19.46 0.40
CA GLY B 262 -7.33 18.55 0.66
C GLY B 262 -7.71 17.50 1.70
N PHE B 263 -7.69 16.24 1.27
CA PHE B 263 -7.88 15.12 2.21
C PHE B 263 -6.55 14.75 2.87
N TYR B 264 -5.86 15.74 3.39
CA TYR B 264 -4.52 15.57 3.97
C TYR B 264 -4.19 16.85 4.74
N GLY B 265 -3.08 16.79 5.49
CA GLY B 265 -2.59 17.95 6.21
C GLY B 265 -1.11 18.15 5.96
N ARG B 266 -0.60 19.29 6.44
CA ARG B 266 0.82 19.55 6.35
C ARG B 266 1.33 20.12 7.66
N VAL B 267 2.48 19.63 8.11
CA VAL B 267 3.20 20.35 9.16
C VAL B 267 3.71 21.66 8.57
N PRO B 268 3.42 22.81 9.15
CA PRO B 268 3.87 24.08 8.53
C PRO B 268 5.39 24.17 8.53
N LYS B 269 5.92 24.76 7.45
CA LYS B 269 7.36 25.01 7.38
C LYS B 269 7.81 25.92 8.52
N ARG B 270 6.90 26.77 9.02
CA ARG B 270 7.23 27.67 10.11
C ARG B 270 7.69 26.92 11.35
N ALA B 271 7.28 25.65 11.49
CA ALA B 271 7.68 24.85 12.66
C ALA B 271 9.17 24.52 12.63
N THR B 272 9.75 24.36 11.44
CA THR B 272 11.12 23.86 11.33
C THR B 272 12.08 24.75 10.57
N GLU B 273 11.61 25.81 9.90
CA GLU B 273 12.47 26.68 9.12
C GLU B 273 12.16 28.14 9.42
N PRO B 274 13.17 29.00 9.49
CA PRO B 274 12.89 30.43 9.69
C PRO B 274 12.08 30.98 8.53
N GLY B 275 11.13 31.87 8.85
CA GLY B 275 10.26 32.45 7.86
C GLY B 275 10.74 33.84 7.46
N ILE B 276 10.83 34.07 6.16
CA ILE B 276 11.40 35.30 5.61
C ILE B 276 10.27 36.16 5.05
N ASP B 277 10.32 37.46 5.34
CA ASP B 277 9.45 38.45 4.71
C ASP B 277 10.31 39.30 3.78
N TRP B 278 10.16 39.11 2.48
CA TRP B 278 11.04 39.77 1.52
C TRP B 278 10.81 41.26 1.40
N ASP B 279 9.79 41.81 2.05
CA ASP B 279 9.64 43.25 2.11
C ASP B 279 10.41 43.91 3.25
N LYS B 280 10.98 43.12 4.15
CA LYS B 280 11.82 43.66 5.22
C LYS B 280 13.23 43.93 4.70
N ALA B 281 13.91 44.84 5.41
CA ALA B 281 15.30 45.15 5.10
C ALA B 281 16.19 43.93 5.37
N ASP B 282 17.20 43.75 4.51
CA ASP B 282 18.15 42.64 4.62
C ASP B 282 17.45 41.33 4.99
N ALA B 283 16.44 40.99 4.18
CA ALA B 283 15.37 40.09 4.62
C ALA B 283 15.89 38.69 4.94
N ALA B 284 16.76 38.14 4.10
CA ALA B 284 17.22 36.77 4.30
C ALA B 284 17.98 36.62 5.60
N LYS B 285 18.60 37.69 6.09
CA LYS B 285 19.38 37.62 7.32
C LYS B 285 18.56 37.96 8.56
N ASN B 286 17.30 38.39 8.40
CA ASN B 286 16.48 38.84 9.50
C ASN B 286 15.09 38.21 9.39
N PRO B 287 14.99 36.90 9.61
CA PRO B 287 13.70 36.22 9.50
C PRO B 287 12.67 36.77 10.48
N VAL B 288 11.41 36.82 10.04
CA VAL B 288 10.33 37.33 10.87
C VAL B 288 9.70 36.26 11.77
N THR B 289 9.91 34.98 11.47
CA THR B 289 9.51 33.89 12.36
C THR B 289 10.68 32.95 12.56
N GLN B 290 10.71 32.31 13.73
CA GLN B 290 11.71 31.32 14.09
C GLN B 290 11.05 29.97 14.30
N PRO B 291 11.74 28.88 13.95
CA PRO B 291 11.18 27.54 14.19
C PRO B 291 10.92 27.30 15.67
N TYR B 292 9.81 26.63 15.96
CA TYR B 292 9.44 26.31 17.33
C TYR B 292 9.49 24.82 17.65
N PHE B 293 9.69 23.97 16.65
CA PHE B 293 10.00 22.56 16.89
C PHE B 293 11.47 22.44 17.30
N THR B 294 11.74 21.55 18.23
CA THR B 294 13.09 21.13 18.58
C THR B 294 13.31 19.72 18.08
N ALA B 295 14.50 19.19 18.34
CA ALA B 295 14.78 17.80 17.98
C ALA B 295 13.79 16.84 18.60
N ARG B 296 13.17 17.22 19.72
CA ARG B 296 12.16 16.37 20.35
C ARG B 296 10.94 16.21 19.45
N GLU B 297 10.40 17.33 18.95
CA GLU B 297 9.21 17.27 18.11
C GLU B 297 9.52 16.68 16.73
N THR B 298 10.64 17.07 16.12
CA THR B 298 10.95 16.49 14.81
C THR B 298 11.15 14.98 14.89
N ALA B 299 11.64 14.47 16.02
CA ALA B 299 11.81 13.03 16.19
C ALA B 299 10.49 12.29 16.25
N VAL B 300 9.45 12.92 16.83
CA VAL B 300 8.14 12.28 16.87
C VAL B 300 7.65 12.01 15.46
N PHE B 301 7.74 13.02 14.58
CA PHE B 301 7.28 12.84 13.22
C PHE B 301 8.19 11.91 12.43
N LYS B 302 9.51 12.00 12.66
CA LYS B 302 10.45 11.11 11.99
C LYS B 302 10.12 9.65 12.29
N ALA B 303 9.76 9.36 13.54
CA ALA B 303 9.43 7.98 13.91
C ALA B 303 8.19 7.48 13.20
N MET B 304 7.27 8.38 12.81
CA MET B 304 6.08 7.98 12.08
C MET B 304 6.30 7.87 10.59
N GLY B 305 7.51 8.14 10.12
CA GLY B 305 7.81 8.13 8.71
C GLY B 305 7.72 9.47 8.00
N LEU B 306 7.63 10.57 8.74
CA LEU B 306 7.60 11.91 8.14
C LEU B 306 8.91 12.60 8.49
N ASP B 307 9.82 12.67 7.52
CA ASP B 307 11.11 13.35 7.68
C ASP B 307 10.91 14.81 7.28
N LEU B 308 10.77 15.68 8.29
CA LEU B 308 10.44 17.08 8.05
C LEU B 308 11.55 17.84 7.32
N THR B 309 12.75 17.28 7.21
CA THR B 309 13.75 17.92 6.35
C THR B 309 13.43 17.78 4.87
N LYS B 310 12.54 16.86 4.50
CA LYS B 310 12.20 16.61 3.11
C LYS B 310 10.73 16.84 2.78
N ASP B 311 9.83 16.51 3.72
CA ASP B 311 8.43 16.34 3.42
C ASP B 311 7.61 16.86 4.59
N SER B 312 6.42 17.37 4.28
CA SER B 312 5.46 17.77 5.31
C SER B 312 4.07 17.19 5.10
N TYR B 313 3.85 16.41 4.04
CA TYR B 313 2.54 15.89 3.66
C TYR B 313 2.14 14.73 4.57
N PHE B 314 0.90 14.74 5.05
CA PHE B 314 0.39 13.73 5.96
C PHE B 314 -1.03 13.39 5.51
N LYS B 315 -1.21 12.17 5.00
CA LYS B 315 -2.54 11.74 4.55
C LYS B 315 -3.54 11.80 5.70
N TYR B 316 -4.79 12.14 5.36
CA TYR B 316 -5.84 12.22 6.38
C TYR B 316 -6.00 10.92 7.15
N ASN B 317 -5.99 9.79 6.44
CA ASN B 317 -6.14 8.53 7.16
C ASN B 317 -4.98 8.30 8.14
N ASP B 318 -3.79 8.81 7.83
CA ASP B 318 -2.66 8.74 8.74
C ASP B 318 -2.79 9.74 9.90
N ILE B 319 -3.35 10.91 9.63
CA ILE B 319 -3.67 11.84 10.73
C ILE B 319 -4.58 11.17 11.74
N VAL B 320 -5.65 10.53 11.27
CA VAL B 320 -6.58 9.84 12.16
C VAL B 320 -5.87 8.75 12.95
N SER B 321 -5.15 7.86 12.26
CA SER B 321 -4.61 6.68 12.93
C SER B 321 -3.37 6.98 13.76
N LYS B 322 -2.50 7.88 13.31
CA LYS B 322 -1.24 8.10 14.01
C LYS B 322 -1.24 9.31 14.93
N LEU B 323 -2.05 10.32 14.65
CA LEU B 323 -2.05 11.55 15.44
C LEU B 323 -3.25 11.64 16.38
N LEU B 324 -4.47 11.68 15.83
CA LEU B 324 -5.66 11.70 16.70
C LEU B 324 -5.67 10.50 17.64
N ASN B 325 -5.30 9.33 17.11
CA ASN B 325 -5.38 8.12 17.90
C ASN B 325 -4.00 7.61 18.33
N ASP B 326 -3.02 8.52 18.41
CA ASP B 326 -1.72 8.25 19.00
C ASP B 326 -1.91 7.57 20.36
N PRO B 327 -1.37 6.36 20.56
CA PRO B 327 -1.54 5.70 21.86
C PRO B 327 -1.04 6.52 23.04
N GLN B 328 0.05 7.28 22.85
CA GLN B 328 0.59 8.14 23.89
C GLN B 328 -0.19 9.43 24.09
N ARG B 329 -1.26 9.67 23.33
CA ARG B 329 -2.14 10.83 23.51
C ARG B 329 -1.39 12.17 23.43
N ARG B 330 -0.44 12.25 22.50
CA ARG B 330 0.43 13.42 22.43
C ARG B 330 -0.16 14.59 21.67
N PHE B 331 -1.23 14.39 20.90
CA PHE B 331 -1.79 15.42 20.04
C PHE B 331 -3.19 15.78 20.48
N THR B 332 -3.49 17.07 20.52
CA THR B 332 -4.79 17.59 20.93
C THR B 332 -5.45 18.28 19.75
N ALA B 333 -6.71 17.94 19.48
CA ALA B 333 -7.42 18.54 18.36
C ALA B 333 -8.11 19.82 18.79
N HIS B 334 -8.03 20.84 17.92
CA HIS B 334 -8.62 22.14 18.14
C HIS B 334 -9.37 22.56 16.88
N TRP B 335 -10.26 23.55 17.04
CA TRP B 335 -11.00 24.14 15.93
C TRP B 335 -10.65 25.62 15.87
N ASP B 336 -10.28 26.12 14.68
CA ASP B 336 -10.08 27.55 14.46
C ASP B 336 -11.36 28.13 13.90
N SER B 337 -12.07 28.92 14.72
CA SER B 337 -13.39 29.39 14.30
CA SER B 337 -13.38 29.42 14.32
C SER B 337 -13.30 30.38 13.14
N ASP B 338 -12.19 31.10 13.01
CA ASP B 338 -12.10 32.06 11.92
C ASP B 338 -11.67 31.37 10.62
N ALA B 339 -10.68 30.48 10.69
CA ALA B 339 -10.20 29.78 9.50
C ALA B 339 -11.14 28.66 9.07
N GLN B 340 -11.97 28.18 9.99
CA GLN B 340 -12.98 27.16 9.71
C GLN B 340 -12.36 25.80 9.38
N VAL B 341 -11.24 25.47 10.02
CA VAL B 341 -10.59 24.17 9.85
C VAL B 341 -10.03 23.71 11.18
N PRO B 342 -9.84 22.39 11.34
CA PRO B 342 -9.21 21.85 12.56
C PRO B 342 -7.69 21.91 12.46
N TYR B 343 -7.06 21.83 13.64
CA TYR B 343 -5.60 21.74 13.72
C TYR B 343 -5.25 20.97 14.99
N LEU B 344 -4.05 20.42 15.02
CA LEU B 344 -3.56 19.70 16.19
C LEU B 344 -2.39 20.44 16.83
N THR B 345 -2.32 20.38 18.15
CA THR B 345 -1.14 20.82 18.88
C THR B 345 -0.49 19.62 19.58
N MET B 346 0.81 19.77 19.84
CA MET B 346 1.55 18.88 20.72
C MET B 346 2.24 19.74 21.76
N LYS B 347 2.52 19.16 22.93
CA LYS B 347 3.13 19.91 24.03
C LYS B 347 4.65 19.94 23.89
N SER B 348 5.23 21.13 24.04
CA SER B 348 6.68 21.23 24.10
C SER B 348 7.21 20.56 25.37
N ALA B 349 8.53 20.52 25.50
CA ALA B 349 9.13 20.01 26.73
C ALA B 349 8.68 20.80 27.95
N GLU B 350 8.32 22.06 27.76
CA GLU B 350 7.92 22.95 28.84
C GLU B 350 6.41 23.05 28.99
N GLY B 351 5.65 22.23 28.25
CA GLY B 351 4.20 22.24 28.35
C GLY B 351 3.49 23.26 27.48
N LYS B 352 4.23 23.98 26.58
CA LYS B 352 3.51 24.95 25.76
C LYS B 352 2.94 24.25 24.53
N PRO B 353 1.69 24.54 24.17
CA PRO B 353 1.13 23.94 22.94
C PRO B 353 1.85 24.49 21.72
N LEU B 354 2.24 23.58 20.83
CA LEU B 354 2.91 23.91 19.58
C LEU B 354 2.01 23.50 18.44
N PHE B 355 1.80 24.40 17.48
CA PHE B 355 0.98 24.12 16.32
C PHE B 355 1.66 23.04 15.49
N ALA B 356 1.04 21.86 15.41
CA ALA B 356 1.67 20.72 14.74
C ALA B 356 1.24 20.54 13.29
N ILE B 357 -0.07 20.66 13.00
CA ILE B 357 -0.57 20.38 11.66
C ILE B 357 -2.00 20.87 11.56
N SER B 358 -2.39 21.39 10.40
CA SER B 358 -3.80 21.62 10.13
C SER B 358 -4.23 20.71 8.99
N TYR B 359 -5.54 20.51 8.89
CA TYR B 359 -6.10 19.49 8.00
C TYR B 359 -7.58 19.81 7.76
N GLU B 360 -8.31 18.85 7.22
CA GLU B 360 -9.75 18.95 7.02
C GLU B 360 -10.43 17.76 7.69
N ASN B 361 -11.52 18.03 8.40
CA ASN B 361 -12.33 16.96 8.97
C ASN B 361 -13.75 17.05 8.38
N PRO B 362 -14.69 16.18 8.76
CA PRO B 362 -16.04 16.34 8.21
C PRO B 362 -16.65 17.72 8.43
N ARG B 363 -16.46 18.34 9.59
CA ARG B 363 -17.05 19.66 9.83
C ARG B 363 -16.52 20.70 8.85
N SER B 364 -15.20 20.72 8.64
CA SER B 364 -14.61 21.71 7.74
C SER B 364 -14.96 21.43 6.29
N VAL B 365 -15.05 20.15 5.90
CA VAL B 365 -15.49 19.80 4.56
C VAL B 365 -16.92 20.31 4.31
N ALA B 366 -17.81 20.15 5.30
CA ALA B 366 -19.17 20.66 5.17
C ALA B 366 -19.19 22.18 5.05
N LEU B 367 -18.32 22.88 5.78
CA LEU B 367 -18.25 24.33 5.68
C LEU B 367 -17.72 24.78 4.33
N LYS B 368 -16.85 24.00 3.70
CA LYS B 368 -16.42 24.36 2.35
C LYS B 368 -17.52 24.09 1.34
N ALA B 369 -18.34 23.06 1.57
CA ALA B 369 -19.51 22.85 0.74
C ALA B 369 -20.52 24.00 0.91
N ASP B 370 -20.70 24.47 2.14
CA ASP B 370 -21.54 25.65 2.37
C ASP B 370 -21.05 26.84 1.55
N TYR B 371 -19.73 27.02 1.48
CA TYR B 371 -19.15 28.12 0.71
C TYR B 371 -19.44 27.95 -0.78
N ILE B 372 -19.23 26.73 -1.29
CA ILE B 372 -19.55 26.41 -2.67
C ILE B 372 -21.00 26.79 -2.99
N LYS B 373 -21.91 26.42 -2.11
CA LYS B 373 -23.34 26.66 -2.36
C LYS B 373 -23.67 28.15 -2.27
N SER B 374 -23.11 28.87 -1.29
CA SER B 374 -23.44 30.28 -1.13
CA SER B 374 -23.41 30.29 -1.11
C SER B 374 -22.77 31.14 -2.21
N LYS B 375 -21.57 30.77 -2.63
CA LYS B 375 -20.87 31.54 -3.65
C LYS B 375 -21.27 31.14 -5.08
N GLY B 376 -22.03 30.07 -5.24
CA GLY B 376 -22.44 29.65 -6.56
C GLY B 376 -21.35 29.01 -7.37
N LEU B 377 -20.38 28.37 -6.72
CA LEU B 377 -19.38 27.61 -7.45
C LEU B 377 -20.01 26.36 -8.05
N GLY B 378 -19.35 25.82 -9.08
CA GLY B 378 -19.89 24.64 -9.75
C GLY B 378 -19.79 23.36 -8.95
N GLY B 379 -18.87 23.28 -8.00
CA GLY B 379 -18.76 22.07 -7.22
C GLY B 379 -17.46 22.05 -6.44
N ALA B 380 -17.12 20.85 -5.98
CA ALA B 380 -15.89 20.61 -5.25
C ALA B 380 -14.97 19.69 -6.04
N MET B 381 -13.69 19.82 -5.77
CA MET B 381 -12.65 18.88 -6.18
C MET B 381 -11.88 18.46 -4.94
N PHE B 382 -11.32 17.26 -4.93
CA PHE B 382 -10.48 16.87 -3.80
C PHE B 382 -9.24 16.10 -4.22
N TRP B 383 -8.16 16.35 -3.48
CA TRP B 383 -6.95 15.55 -3.58
C TRP B 383 -6.74 14.91 -2.21
N GLU B 384 -6.74 13.57 -2.11
CA GLU B 384 -7.10 12.64 -3.17
C GLU B 384 -7.77 11.45 -2.47
N TYR B 385 -8.51 10.64 -3.24
CA TYR B 385 -9.42 9.70 -2.62
C TYR B 385 -8.71 8.62 -1.81
N GLY B 386 -7.48 8.26 -2.19
CA GLY B 386 -6.74 7.23 -1.47
C GLY B 386 -6.34 7.64 -0.05
N ALA B 387 -6.38 8.92 0.26
CA ALA B 387 -6.01 9.43 1.57
C ALA B 387 -7.20 9.61 2.50
N ASP B 388 -8.42 9.37 2.03
CA ASP B 388 -9.61 9.44 2.88
C ASP B 388 -9.59 8.31 3.91
N ASP B 389 -10.38 8.46 4.95
CA ASP B 389 -10.47 7.45 6.01
C ASP B 389 -11.84 6.80 5.92
N ASN B 390 -11.89 5.58 5.38
CA ASN B 390 -13.14 4.85 5.19
C ASN B 390 -14.14 5.66 4.36
N ASN B 391 -13.63 6.41 3.39
CA ASN B 391 -14.43 7.24 2.49
C ASN B 391 -15.24 8.32 3.24
N ARG B 392 -14.83 8.69 4.45
CA ARG B 392 -15.67 9.56 5.27
C ARG B 392 -15.70 11.01 4.78
N LEU B 393 -14.56 11.55 4.32
CA LEU B 393 -14.59 12.93 3.85
C LEU B 393 -15.36 13.04 2.53
N ALA B 394 -15.15 12.09 1.62
CA ALA B 394 -15.90 12.09 0.37
C ALA B 394 -17.39 11.95 0.65
N HIS B 395 -17.75 11.15 1.65
CA HIS B 395 -19.16 10.99 1.97
C HIS B 395 -19.74 12.28 2.54
N GLN B 396 -18.99 12.98 3.40
CA GLN B 396 -19.47 14.27 3.88
C GLN B 396 -19.72 15.22 2.72
N LEU B 397 -18.78 15.27 1.77
CA LEU B 397 -18.94 16.17 0.63
C LEU B 397 -20.16 15.79 -0.21
N ALA B 398 -20.37 14.49 -0.43
CA ALA B 398 -21.53 14.04 -1.19
C ALA B 398 -22.83 14.43 -0.52
N GLU B 399 -22.92 14.26 0.80
CA GLU B 399 -24.15 14.61 1.49
C GLU B 399 -24.38 16.13 1.46
N SER B 400 -23.33 16.90 1.72
CA SER B 400 -23.46 18.36 1.78
C SER B 400 -23.84 18.95 0.42
N LEU B 401 -23.42 18.32 -0.67
CA LEU B 401 -23.70 18.85 -2.01
C LEU B 401 -24.84 18.13 -2.72
N GLY B 402 -25.52 17.20 -2.06
CA GLY B 402 -26.62 16.50 -2.70
C GLY B 402 -26.22 15.65 -3.89
N ILE B 403 -25.02 15.07 -3.84
CA ILE B 403 -24.46 14.35 -4.98
C ILE B 403 -25.26 13.08 -5.24
N ASN B 404 -25.61 12.84 -6.51
CA ASN B 404 -26.20 11.60 -6.98
C ASN B 404 -27.43 11.17 -6.18
C1 NAG C . 3.64 -21.62 17.40
C2 NAG C . 3.81 -22.28 16.03
C3 NAG C . 3.64 -21.30 14.91
C4 NAG C . 2.43 -20.40 15.03
C5 NAG C . 2.30 -19.81 16.45
C6 NAG C . 0.98 -19.09 16.58
C7 NAG C . 5.45 -24.23 15.69
C8 NAG C . 6.90 -24.71 15.58
N2 NAG C . 5.20 -22.81 15.91
O1 NAG C . 3.65 -22.54 18.41
O3 NAG C . 3.58 -22.02 13.65
O4 NAG C . 2.40 -19.31 14.18
O5 NAG C . 2.35 -20.88 17.46
O6 NAG C . 0.05 -19.91 17.25
O7 NAG C . 4.54 -24.99 15.60
C1 NAG C . 1.67 -19.38 13.04
C2 NAG C . 1.44 -17.97 12.47
C3 NAG C . 0.86 -18.00 11.10
C4 NAG C . 1.53 -18.93 10.15
C5 NAG C . 1.74 -20.33 10.76
C6 NAG C . 2.64 -21.17 9.88
C7 NAG C . 0.93 -16.12 14.17
C8 NAG C . -0.06 -15.45 15.11
N2 NAG C . 0.50 -17.29 13.40
O3 NAG C . 0.86 -16.65 10.55
O4 NAG C . 0.76 -19.03 8.93
O5 NAG C . 2.40 -20.27 12.07
O6 NAG C . 2.51 -22.50 10.35
O7 NAG C . 2.04 -15.73 14.05
C1 NAG D . 4.42 27.43 -1.97
C2 NAG D . 3.14 27.23 -2.76
C3 NAG D . 2.70 25.80 -2.77
C4 NAG D . 3.78 24.83 -3.14
C5 NAG D . 5.13 25.10 -2.45
C6 NAG D . 6.19 24.36 -3.20
C7 NAG D . 1.36 29.05 -2.96
C8 NAG D . 0.22 29.85 -2.34
N2 NAG D . 2.03 28.03 -2.17
O1 NAG D . 4.87 28.71 -2.12
O3 NAG D . 1.62 25.70 -3.75
O4 NAG D . 3.54 23.49 -3.00
O5 NAG D . 5.50 26.52 -2.46
O6 NAG D . 7.46 24.77 -2.77
O7 NAG D . 1.71 29.26 -4.08
C1 NAG D . 3.12 22.71 -4.03
C2 NAG D . 3.24 21.24 -3.65
C3 NAG D . 2.61 20.35 -4.68
C4 NAG D . 1.25 20.78 -5.12
C5 NAG D . 1.18 22.27 -5.47
C6 NAG D . -0.24 22.72 -5.68
C7 NAG D . 5.39 20.58 -2.39
C8 NAG D . 6.91 20.34 -2.42
N2 NAG D . 4.71 20.98 -3.62
O3 NAG D . 2.57 18.98 -4.17
O4 NAG D . 0.86 20.01 -6.26
O5 NAG D . 1.72 23.09 -4.39
O6 NAG D . -0.23 24.01 -6.27
O7 NAG D . 4.76 20.44 -1.39
C1 EDO E . -8.85 -11.58 0.99
O1 EDO E . -10.25 -11.91 0.98
C2 EDO E . -8.02 -12.81 1.36
O2 EDO E . -6.64 -12.60 1.00
C1 EDO F . 0.90 -19.04 3.76
O1 EDO F . 0.09 -19.38 4.90
C2 EDO F . 2.19 -19.83 3.78
O2 EDO F . 2.88 -19.54 5.01
CL CL G . 21.93 -8.00 6.24
C1 EDO H . 2.46 8.47 -12.50
O1 EDO H . 1.39 8.50 -11.53
C2 EDO H . 2.91 7.04 -12.78
O2 EDO H . 3.90 6.98 -13.83
C1 EDO I . -3.04 17.21 -8.27
O1 EDO I . -1.81 17.86 -8.61
C2 EDO I . -4.01 18.24 -7.73
O2 EDO I . -3.39 18.84 -6.58
CL CL J . -11.26 15.67 14.08
#